data_8AS3
#
_entry.id   8AS3
#
_cell.length_a   116.314
_cell.length_b   121.064
_cell.length_c   145.285
_cell.angle_alpha   90.000
_cell.angle_beta   90.000
_cell.angle_gamma   90.000
#
_symmetry.space_group_name_H-M   'I 21 21 21'
#
loop_
_entity.id
_entity.type
_entity.pdbx_description
1 polymer Beta-arrestin-1
2 polymer 'C-C chemokine receptor type 5'
3 polymer 'Fab30 heavy chain'
4 polymer 'Fab30 light chain'
#
loop_
_entity_poly.entity_id
_entity_poly.type
_entity_poly.pdbx_seq_one_letter_code
_entity_poly.pdbx_strand_id
1 'polypeptide(L)'
;MGDKGTRVFKKASPNGKLTVYLGKRDFVDHIDLVDPVDGVVLVDPEYLKERRVYVTLTCAFRYGREDLDVLGLTFRKDLF
VANVQSFPPAPEDKKPLTRLQERLIKKLGEHAYPFTFEIPPNLPCSVTLQPGPEDTGKACGVDYEVKAFLAENLEEKIHK
RNSVRLVIRKVQYAPERPGPQPTAETTRQFLMSDKPLHLEASLDKEIYYHGEPISVNVHVTNNTNKTVKKIKISVRQYAD
IVLFNTAQYKVPVAMEEADDTVAPSSTFSKVYTLTPFLANNREKRGLALDGKLKHEDTNLASSTLLREGANREILGIIVS
YKVKVKLVVSRGGLLGDLASSDVAVELPFTLMHPKPKEE
;
A
2 'polypeptide(L)' APERA(SEP)(SEP)VY(TPO)R(SEP)(TPO)GEQEI(SEP)VG B
3 'polypeptide(L)'
;VQLVESGGGLVQPGGSLRLSCAASGFNVYSSSIHWVRQAPGKGLEWVASISSYYGYTYYADSVKGRFTISADTSKNTAYL
QMNSLRAEDTAVYYCARSRQFWYSGLDYWGQGTLVTVSSASTKGPSVFPLAPSSKSTSGGTAALGCLVKDYFPEPVTVSW
NSGALTSGVHTFPAVLQSSGLYSLSSVVTVPSSSLGTQTYICNVNHKPSNTKVDKKVEPKSCDKTHHHHHHHH
;
H
4 'polypeptide(L)'
;SDIQMTQSPSSLSASVGDRVTITCRASQSVSSAVAWYQQKPGKAPKLLIYSASSLYSGVPSRFSGSRSGTDFTLTISSLQ
PEDFATYYCQQYKYVPVTFGQGTKVEIKRTVAAPSVFIFPPSDSQLKSGTASVVCLLNNFYPREAKVQWKVDNALQSGNS
QESVTEQDSKDSTYSLSSTLTLSKADYEKHKVYACEVTHQGLSSPVTKSFNRGECEISEV
;
L
#
# COMPACT_ATOMS: atom_id res chain seq x y z
N THR A 6 2.69 10.88 21.42
CA THR A 6 2.34 9.48 21.61
C THR A 6 0.95 9.37 22.19
N ARG A 7 0.23 8.31 21.85
CA ARG A 7 -1.12 8.09 22.37
C ARG A 7 -1.18 6.78 23.12
N VAL A 8 -2.25 6.61 23.90
CA VAL A 8 -2.41 5.48 24.80
C VAL A 8 -3.84 4.97 24.70
N PHE A 9 -4.02 3.71 25.08
CA PHE A 9 -5.33 3.08 25.04
C PHE A 9 -6.08 3.33 26.35
N LYS A 10 -7.41 3.41 26.25
CA LYS A 10 -8.25 3.59 27.43
C LYS A 10 -9.60 2.92 27.21
N LYS A 11 -10.17 2.39 28.29
CA LYS A 11 -11.46 1.73 28.25
C LYS A 11 -12.17 1.96 29.58
N ALA A 12 -13.47 2.23 29.52
CA ALA A 12 -14.26 2.58 30.68
C ALA A 12 -15.24 1.47 31.02
N SER A 13 -15.62 1.42 32.30
CA SER A 13 -16.64 0.48 32.76
C SER A 13 -18.00 0.86 32.17
N PRO A 14 -18.95 -0.07 32.18
CA PRO A 14 -20.26 0.23 31.57
C PRO A 14 -20.91 1.51 32.08
N ASN A 15 -20.78 1.84 33.37
CA ASN A 15 -21.35 3.06 33.91
C ASN A 15 -20.31 4.18 34.07
N GLY A 16 -19.13 4.01 33.49
CA GLY A 16 -18.14 5.07 33.41
C GLY A 16 -17.39 5.39 34.69
N LYS A 17 -17.72 4.75 35.82
CA LYS A 17 -17.08 5.12 37.07
C LYS A 17 -15.61 4.69 37.12
N LEU A 18 -15.15 3.86 36.19
CA LEU A 18 -13.81 3.29 36.27
C LEU A 18 -13.23 3.23 34.87
N THR A 19 -11.99 3.69 34.71
CA THR A 19 -11.37 3.81 33.39
C THR A 19 -9.93 3.34 33.47
N VAL A 20 -9.59 2.33 32.67
CA VAL A 20 -8.23 1.79 32.59
C VAL A 20 -7.47 2.51 31.49
N TYR A 21 -6.16 2.65 31.69
CA TYR A 21 -5.26 3.26 30.72
C TYR A 21 -4.04 2.36 30.56
N LEU A 22 -3.70 2.04 29.31
CA LEU A 22 -2.52 1.23 29.00
C LEU A 22 -1.75 1.87 27.86
N GLY A 23 -0.47 1.52 27.76
CA GLY A 23 0.39 2.06 26.72
C GLY A 23 0.38 1.24 25.45
N LYS A 24 0.15 -0.06 25.57
CA LYS A 24 0.13 -0.95 24.41
C LYS A 24 -0.64 -2.21 24.75
N ARG A 25 -1.10 -2.90 23.71
CA ARG A 25 -1.84 -4.15 23.87
C ARG A 25 -0.95 -5.38 23.75
N ASP A 26 0.11 -5.31 22.95
CA ASP A 26 1.00 -6.45 22.73
C ASP A 26 2.27 -6.26 23.55
N PHE A 27 2.62 -7.30 24.31
CA PHE A 27 3.79 -7.29 25.19
C PHE A 27 4.74 -8.40 24.75
N VAL A 28 5.97 -8.02 24.46
CA VAL A 28 6.92 -8.94 23.83
C VAL A 28 7.60 -9.80 24.90
N ASP A 29 7.65 -11.10 24.64
CA ASP A 29 8.35 -12.05 25.50
C ASP A 29 9.74 -12.29 24.92
N HIS A 30 10.76 -11.72 25.56
CA HIS A 30 12.14 -11.94 25.16
C HIS A 30 12.77 -13.14 25.87
N ILE A 31 11.94 -14.01 26.45
CA ILE A 31 12.39 -15.20 27.17
C ILE A 31 13.11 -14.78 28.44
N ASP A 32 14.25 -14.07 28.30
CA ASP A 32 14.96 -13.62 29.50
C ASP A 32 14.11 -12.63 30.30
N LEU A 33 13.25 -11.87 29.63
CA LEU A 33 12.27 -11.04 30.31
C LEU A 33 11.11 -10.77 29.38
N VAL A 34 10.00 -10.36 29.96
CA VAL A 34 8.81 -9.97 29.23
C VAL A 34 8.54 -8.51 29.51
N ASP A 35 7.95 -7.83 28.51
CA ASP A 35 7.59 -6.43 28.70
C ASP A 35 6.58 -6.32 29.84
N PRO A 36 6.79 -5.43 30.81
CA PRO A 36 5.85 -5.32 31.91
C PRO A 36 4.55 -4.65 31.47
N VAL A 37 3.47 -5.02 32.16
CA VAL A 37 2.14 -4.47 31.89
C VAL A 37 1.93 -3.35 32.91
N ASP A 38 2.23 -2.12 32.49
CA ASP A 38 2.12 -0.95 33.36
C ASP A 38 0.99 -0.05 32.86
N GLY A 39 0.24 0.49 33.80
CA GLY A 39 -0.85 1.38 33.46
C GLY A 39 -1.40 2.07 34.69
N VAL A 40 -2.52 2.76 34.51
CA VAL A 40 -3.20 3.45 35.60
C VAL A 40 -4.69 3.22 35.49
N VAL A 41 -5.39 3.50 36.59
CA VAL A 41 -6.85 3.38 36.67
C VAL A 41 -7.40 4.68 37.22
N LEU A 42 -8.22 5.37 36.44
CA LEU A 42 -8.83 6.62 36.86
C LEU A 42 -10.15 6.35 37.57
N VAL A 43 -10.29 6.91 38.77
CA VAL A 43 -11.47 6.74 39.59
C VAL A 43 -11.88 8.12 40.11
N ASP A 44 -13.18 8.44 40.01
CA ASP A 44 -13.59 9.70 40.60
C ASP A 44 -14.00 9.50 42.05
N PRO A 45 -13.73 10.48 42.92
CA PRO A 45 -14.20 10.38 44.30
C PRO A 45 -15.71 10.30 44.40
N GLU A 46 -16.44 10.88 43.44
CA GLU A 46 -17.90 10.82 43.45
C GLU A 46 -18.40 9.39 43.42
N TYR A 47 -17.81 8.55 42.57
CA TYR A 47 -18.23 7.16 42.43
C TYR A 47 -17.41 6.21 43.29
N LEU A 48 -16.60 6.74 44.21
CA LEU A 48 -15.74 5.94 45.08
C LEU A 48 -16.49 5.69 46.39
N LYS A 49 -17.29 4.63 46.41
CA LYS A 49 -18.01 4.22 47.61
C LYS A 49 -17.47 2.94 48.24
N GLU A 50 -17.11 1.95 47.43
CA GLU A 50 -16.54 0.72 47.98
C GLU A 50 -15.17 0.98 48.61
N ARG A 51 -14.46 1.99 48.11
CA ARG A 51 -13.20 2.46 48.70
C ARG A 51 -12.07 1.45 48.60
N ARG A 52 -12.13 0.51 47.65
CA ARG A 52 -11.03 -0.38 47.35
C ARG A 52 -11.10 -0.74 45.87
N VAL A 53 -10.07 -0.38 45.11
CA VAL A 53 -9.99 -0.70 43.69
C VAL A 53 -8.83 -1.66 43.47
N TYR A 54 -9.10 -2.77 42.79
CA TYR A 54 -8.10 -3.77 42.47
C TYR A 54 -7.92 -3.88 40.96
N VAL A 55 -6.76 -4.39 40.57
CA VAL A 55 -6.46 -4.71 39.18
C VAL A 55 -5.89 -6.12 39.13
N THR A 56 -6.25 -6.86 38.08
CA THR A 56 -5.87 -8.27 37.98
C THR A 56 -5.40 -8.57 36.57
N LEU A 57 -4.28 -9.28 36.47
CA LEU A 57 -3.78 -9.83 35.22
C LEU A 57 -4.07 -11.32 35.19
N THR A 58 -4.71 -11.79 34.11
CA THR A 58 -5.16 -13.17 34.03
C THR A 58 -4.73 -13.78 32.70
N CYS A 59 -4.03 -14.91 32.77
CA CYS A 59 -3.75 -15.76 31.62
C CYS A 59 -4.66 -16.98 31.74
N ALA A 60 -5.59 -17.11 30.80
CA ALA A 60 -6.63 -18.13 30.89
C ALA A 60 -6.77 -18.89 29.58
N PHE A 61 -7.15 -20.16 29.71
CA PHE A 61 -7.48 -21.02 28.58
C PHE A 61 -9.00 -21.05 28.45
N ARG A 62 -9.52 -20.55 27.34
CA ARG A 62 -10.95 -20.52 27.09
C ARG A 62 -11.32 -21.68 26.17
N TYR A 63 -12.42 -22.36 26.53
CA TYR A 63 -12.82 -23.56 25.80
C TYR A 63 -14.33 -23.73 25.89
N GLY A 64 -14.87 -24.50 24.95
CA GLY A 64 -16.29 -24.80 24.92
C GLY A 64 -16.61 -26.17 25.51
N VAL A 70 -22.40 -26.11 24.65
CA VAL A 70 -22.47 -26.72 23.32
C VAL A 70 -22.87 -25.70 22.25
N LEU A 71 -23.70 -24.72 22.61
CA LEU A 71 -24.15 -23.69 21.69
C LEU A 71 -23.52 -22.36 22.09
N GLY A 72 -22.26 -22.19 21.71
CA GLY A 72 -21.55 -20.94 21.94
C GLY A 72 -21.14 -20.67 23.37
N LEU A 73 -21.36 -21.62 24.28
CA LEU A 73 -21.01 -21.43 25.68
C LEU A 73 -19.53 -21.73 25.88
N THR A 74 -18.85 -20.86 26.63
CA THR A 74 -17.41 -20.99 26.86
C THR A 74 -17.10 -20.90 28.35
N PHE A 75 -15.90 -21.36 28.69
CA PHE A 75 -15.42 -21.37 30.07
C PHE A 75 -13.94 -20.96 30.07
N ARG A 76 -13.51 -20.31 31.15
CA ARG A 76 -12.15 -19.83 31.28
C ARG A 76 -11.51 -20.48 32.50
N LYS A 77 -10.47 -21.28 32.26
CA LYS A 77 -9.67 -21.88 33.32
C LYS A 77 -8.38 -21.06 33.46
N ASP A 78 -8.13 -20.56 34.66
CA ASP A 78 -6.97 -19.70 34.88
C ASP A 78 -5.69 -20.51 34.91
N LEU A 79 -4.66 -19.99 34.24
CA LEU A 79 -3.32 -20.56 34.26
C LEU A 79 -2.34 -19.73 35.06
N PHE A 80 -2.50 -18.40 35.06
CA PHE A 80 -1.66 -17.49 35.82
C PHE A 80 -2.49 -16.27 36.15
N VAL A 81 -2.61 -15.95 37.43
CA VAL A 81 -3.39 -14.80 37.89
C VAL A 81 -2.53 -14.01 38.87
N ALA A 82 -2.56 -12.68 38.73
CA ALA A 82 -1.82 -11.78 39.60
C ALA A 82 -2.70 -10.59 39.93
N ASN A 83 -2.62 -10.12 41.17
CA ASN A 83 -3.49 -9.07 41.66
C ASN A 83 -2.68 -7.96 42.31
N VAL A 84 -3.09 -6.72 42.06
CA VAL A 84 -2.45 -5.54 42.62
C VAL A 84 -3.54 -4.64 43.19
N GLN A 85 -3.34 -4.18 44.43
CA GLN A 85 -4.29 -3.28 45.09
C GLN A 85 -3.88 -1.85 44.75
N SER A 86 -4.52 -1.28 43.72
CA SER A 86 -4.18 0.08 43.32
C SER A 86 -4.69 1.09 44.32
N PHE A 87 -5.90 0.89 44.85
CA PHE A 87 -6.47 1.78 45.86
C PHE A 87 -7.05 0.96 46.99
N PRO A 88 -6.71 1.26 48.26
CA PRO A 88 -5.72 2.28 48.66
C PRO A 88 -4.30 1.74 48.51
N PRO A 89 -3.30 2.62 48.44
CA PRO A 89 -1.91 2.16 48.38
C PRO A 89 -1.45 1.71 49.76
N ALA A 90 -1.31 0.40 49.93
CA ALA A 90 -0.97 -0.14 51.24
C ALA A 90 0.40 0.39 51.67
N PRO A 91 0.60 0.66 52.96
CA PRO A 91 1.89 1.21 53.40
C PRO A 91 3.03 0.24 53.22
N GLU A 92 2.76 -1.06 53.19
CA GLU A 92 3.79 -2.08 53.13
C GLU A 92 4.18 -2.44 51.69
N ASP A 93 3.86 -1.57 50.73
CA ASP A 93 4.23 -1.80 49.34
C ASP A 93 4.32 -0.46 48.61
N LYS A 94 5.54 -0.03 48.34
CA LYS A 94 5.83 1.21 47.60
C LYS A 94 6.65 0.86 46.38
N LYS A 95 6.06 1.01 45.19
CA LYS A 95 6.76 0.69 43.95
C LYS A 95 7.05 1.96 43.16
N PRO A 96 8.22 2.05 42.51
CA PRO A 96 8.51 3.23 41.70
C PRO A 96 7.72 3.21 40.40
N LEU A 97 7.32 4.40 39.96
CA LEU A 97 6.49 4.53 38.76
C LEU A 97 7.35 4.45 37.51
N THR A 98 6.77 3.88 36.46
CA THR A 98 7.40 3.88 35.15
C THR A 98 7.21 5.24 34.47
N ARG A 99 8.03 5.50 33.45
CA ARG A 99 7.90 6.74 32.70
C ARG A 99 6.51 6.85 32.10
N LEU A 100 5.99 5.74 31.57
CA LEU A 100 4.62 5.71 31.06
C LEU A 100 3.62 6.10 32.15
N GLN A 101 3.81 5.56 33.36
CA GLN A 101 2.87 5.82 34.44
C GLN A 101 2.95 7.28 34.90
N GLU A 102 4.17 7.81 35.06
CA GLU A 102 4.30 9.18 35.56
C GLU A 102 3.77 10.19 34.56
N ARG A 103 3.84 9.88 33.26
CA ARG A 103 3.16 10.72 32.28
C ARG A 103 1.66 10.69 32.50
N LEU A 104 1.11 9.52 32.79
CA LEU A 104 -0.34 9.38 32.94
C LEU A 104 -0.85 10.12 34.17
N ILE A 105 -0.14 10.06 35.29
CA ILE A 105 -0.57 10.83 36.46
C ILE A 105 -0.47 12.31 36.16
N LYS A 106 0.60 12.74 35.49
CA LYS A 106 0.80 14.16 35.21
C LYS A 106 -0.40 14.73 34.48
N LYS A 107 -1.01 13.94 33.60
CA LYS A 107 -2.18 14.41 32.86
C LYS A 107 -3.46 14.22 33.67
N LEU A 108 -3.69 13.01 34.20
CA LEU A 108 -4.97 12.73 34.82
C LEU A 108 -5.05 13.33 36.23
N GLY A 109 -3.97 13.23 37.00
CA GLY A 109 -3.92 13.75 38.34
C GLY A 109 -3.78 12.64 39.38
N GLU A 110 -4.05 12.99 40.63
CA GLU A 110 -4.01 12.00 41.70
C GLU A 110 -4.99 10.87 41.44
N HIS A 111 -6.18 11.20 40.92
CA HIS A 111 -7.26 10.22 40.83
C HIS A 111 -6.84 8.96 40.09
N ALA A 112 -5.76 9.01 39.31
CA ALA A 112 -5.27 7.86 38.59
C ALA A 112 -4.33 7.06 39.49
N TYR A 113 -4.67 5.79 39.71
CA TYR A 113 -3.87 4.91 40.56
C TYR A 113 -3.10 3.92 39.70
N PRO A 114 -1.78 3.84 39.84
CA PRO A 114 -1.00 2.99 38.93
C PRO A 114 -1.09 1.51 39.28
N PHE A 115 -0.77 0.69 38.28
CA PHE A 115 -0.65 -0.75 38.46
C PHE A 115 0.41 -1.27 37.51
N THR A 116 1.20 -2.24 37.98
CA THR A 116 2.30 -2.80 37.21
C THR A 116 2.40 -4.29 37.48
N PHE A 117 2.24 -5.11 36.44
CA PHE A 117 2.38 -6.55 36.53
C PHE A 117 3.64 -6.99 35.82
N GLU A 118 4.31 -7.99 36.40
CA GLU A 118 5.48 -8.63 35.79
C GLU A 118 5.09 -10.02 35.32
N ILE A 119 5.30 -10.29 34.04
CA ILE A 119 4.98 -11.58 33.45
C ILE A 119 6.19 -12.49 33.59
N PRO A 120 6.10 -13.58 34.36
CA PRO A 120 7.27 -14.46 34.54
C PRO A 120 7.53 -15.28 33.30
N PRO A 121 8.72 -15.86 33.17
CA PRO A 121 9.04 -16.66 32.00
C PRO A 121 8.29 -17.99 32.00
N ASN A 122 8.42 -18.70 30.88
CA ASN A 122 7.82 -20.02 30.72
C ASN A 122 6.29 -19.97 30.80
N LEU A 123 5.70 -18.81 30.41
CA LEU A 123 4.25 -18.72 30.31
C LEU A 123 3.81 -18.80 28.86
N PRO A 124 2.60 -19.31 28.59
CA PRO A 124 2.19 -19.47 27.19
C PRO A 124 1.92 -18.14 26.52
N CYS A 125 2.15 -18.11 25.21
CA CYS A 125 1.84 -16.94 24.40
C CYS A 125 0.37 -16.97 23.99
N SER A 126 -0.12 -15.81 23.53
CA SER A 126 -1.51 -15.70 23.12
C SER A 126 -1.75 -16.49 21.84
N VAL A 127 -2.58 -17.52 21.92
CA VAL A 127 -2.88 -18.39 20.80
C VAL A 127 -4.39 -18.62 20.77
N THR A 128 -4.98 -18.50 19.57
CA THR A 128 -6.40 -18.71 19.37
C THR A 128 -6.61 -19.88 18.42
N LEU A 129 -7.49 -20.80 18.80
CA LEU A 129 -7.79 -21.97 17.99
C LEU A 129 -8.90 -21.61 17.01
N GLN A 130 -8.73 -22.02 15.75
CA GLN A 130 -9.62 -21.56 14.70
C GLN A 130 -11.05 -22.05 14.95
N PRO A 131 -12.05 -21.17 14.86
CA PRO A 131 -13.44 -21.61 14.95
C PRO A 131 -14.02 -21.94 13.57
N GLY A 132 -15.11 -22.70 13.60
CA GLY A 132 -15.82 -23.04 12.39
C GLY A 132 -16.87 -22.00 12.05
N PRO A 133 -17.50 -22.13 10.89
CA PRO A 133 -18.53 -21.15 10.51
C PRO A 133 -19.76 -21.18 11.41
N GLU A 134 -19.96 -22.25 12.18
CA GLU A 134 -21.13 -22.39 13.05
C GLU A 134 -20.79 -22.16 14.50
N ASP A 135 -19.90 -21.20 14.79
CA ASP A 135 -19.48 -20.87 16.14
C ASP A 135 -19.79 -19.40 16.41
N THR A 136 -20.39 -19.13 17.58
CA THR A 136 -20.76 -17.77 17.94
C THR A 136 -20.16 -17.31 19.26
N GLY A 137 -19.45 -18.18 19.99
CA GLY A 137 -18.85 -17.80 21.24
C GLY A 137 -17.57 -17.00 21.07
N LYS A 138 -16.98 -16.63 22.20
CA LYS A 138 -15.74 -15.87 22.19
C LYS A 138 -14.58 -16.74 21.73
N ALA A 139 -13.48 -16.08 21.37
CA ALA A 139 -12.33 -16.79 20.81
C ALA A 139 -11.74 -17.75 21.84
N CYS A 140 -11.72 -19.03 21.49
CA CYS A 140 -11.16 -20.05 22.37
C CYS A 140 -9.65 -20.14 22.21
N GLY A 141 -8.99 -20.61 23.25
CA GLY A 141 -7.54 -20.71 23.27
C GLY A 141 -6.95 -20.07 24.50
N VAL A 142 -5.71 -19.59 24.40
CA VAL A 142 -5.02 -18.93 25.49
C VAL A 142 -5.01 -17.43 25.22
N ASP A 143 -5.41 -16.66 26.22
CA ASP A 143 -5.47 -15.20 26.08
C ASP A 143 -5.16 -14.55 27.41
N TYR A 144 -4.57 -13.36 27.35
CA TYR A 144 -4.30 -12.55 28.52
C TYR A 144 -5.34 -11.44 28.60
N GLU A 145 -5.56 -10.95 29.82
CA GLU A 145 -6.67 -10.04 30.07
C GLU A 145 -6.42 -9.27 31.36
N VAL A 146 -6.61 -7.95 31.31
CA VAL A 146 -6.44 -7.08 32.46
C VAL A 146 -7.82 -6.60 32.89
N LYS A 147 -8.17 -6.87 34.14
CA LYS A 147 -9.50 -6.54 34.68
C LYS A 147 -9.34 -5.66 35.91
N ALA A 148 -9.94 -4.48 35.86
CA ALA A 148 -9.95 -3.55 36.98
C ALA A 148 -11.36 -3.47 37.54
N PHE A 149 -11.47 -3.54 38.87
CA PHE A 149 -12.76 -3.52 39.53
C PHE A 149 -12.60 -2.88 40.90
N LEU A 150 -13.73 -2.57 41.53
CA LEU A 150 -13.75 -2.02 42.87
C LEU A 150 -14.78 -2.76 43.71
N ALA A 151 -14.43 -3.00 44.96
CA ALA A 151 -15.27 -3.78 45.87
C ALA A 151 -14.87 -3.42 47.29
N GLU A 152 -15.59 -3.99 48.25
CA GLU A 152 -15.21 -3.78 49.65
C GLU A 152 -14.03 -4.66 50.04
N ASN A 153 -14.01 -5.90 49.56
CA ASN A 153 -12.91 -6.82 49.82
C ASN A 153 -12.83 -7.80 48.65
N LEU A 154 -11.76 -8.60 48.65
CA LEU A 154 -11.55 -9.55 47.56
C LEU A 154 -12.58 -10.68 47.58
N GLU A 155 -13.29 -10.86 48.70
CA GLU A 155 -14.30 -11.91 48.76
C GLU A 155 -15.60 -11.50 48.07
N GLU A 156 -15.89 -10.20 48.04
CA GLU A 156 -17.15 -9.72 47.48
C GLU A 156 -17.28 -10.12 46.02
N LYS A 157 -18.51 -10.41 45.60
CA LYS A 157 -18.78 -10.75 44.20
C LYS A 157 -18.73 -9.49 43.35
N ILE A 158 -17.82 -9.48 42.38
CA ILE A 158 -17.64 -8.31 41.53
C ILE A 158 -18.88 -8.12 40.67
N HIS A 159 -19.35 -6.88 40.58
CA HIS A 159 -20.54 -6.54 39.81
C HIS A 159 -20.09 -6.07 38.43
N LYS A 160 -20.61 -6.73 37.39
CA LYS A 160 -20.09 -6.53 36.03
C LYS A 160 -19.99 -5.05 35.67
N ARG A 161 -20.93 -4.23 36.16
CA ARG A 161 -20.91 -2.81 35.81
C ARG A 161 -19.83 -2.04 36.56
N ASN A 162 -19.44 -2.49 37.76
CA ASN A 162 -18.34 -1.85 38.50
C ASN A 162 -16.98 -2.39 38.09
N SER A 163 -16.81 -2.80 36.83
CA SER A 163 -15.56 -3.40 36.41
C SER A 163 -15.37 -3.17 34.91
N VAL A 164 -14.16 -3.47 34.45
CA VAL A 164 -13.80 -3.30 33.05
C VAL A 164 -12.66 -4.25 32.74
N ARG A 165 -12.75 -4.89 31.58
CA ARG A 165 -11.74 -5.85 31.14
C ARG A 165 -11.24 -5.48 29.75
N LEU A 166 -9.94 -5.68 29.52
CA LEU A 166 -9.29 -5.36 28.26
C LEU A 166 -8.37 -6.51 27.86
N VAL A 167 -8.55 -7.03 26.65
CA VAL A 167 -7.76 -8.15 26.17
C VAL A 167 -6.37 -7.66 25.77
N ILE A 168 -5.33 -8.39 26.22
CA ILE A 168 -3.96 -8.13 25.80
C ILE A 168 -3.35 -9.44 25.31
N ARG A 169 -2.20 -9.32 24.64
CA ARG A 169 -1.54 -10.45 24.02
C ARG A 169 -0.07 -10.49 24.41
N LYS A 170 0.46 -11.71 24.57
CA LYS A 170 1.88 -11.96 24.81
C LYS A 170 2.45 -12.59 23.54
N VAL A 171 3.44 -11.93 22.94
CA VAL A 171 3.90 -12.28 21.61
C VAL A 171 5.42 -12.47 21.61
N GLN A 172 5.92 -13.10 20.54
CA GLN A 172 7.33 -13.32 20.32
C GLN A 172 7.66 -12.98 18.88
N TYR A 173 8.96 -12.74 18.61
CA TYR A 173 9.40 -12.36 17.27
C TYR A 173 10.67 -13.13 16.92
N ALA A 174 11.01 -13.08 15.64
CA ALA A 174 12.09 -13.93 15.12
C ALA A 174 13.41 -13.60 15.79
N PRO A 175 14.20 -14.60 16.17
CA PRO A 175 15.52 -14.31 16.74
C PRO A 175 16.41 -13.57 15.75
N GLU A 176 17.31 -12.75 16.30
CA GLU A 176 18.24 -12.00 15.47
C GLU A 176 19.20 -12.93 14.75
N ARG A 177 19.70 -13.96 15.44
CA ARG A 177 20.66 -14.87 14.84
C ARG A 177 19.95 -16.07 14.23
N PRO A 178 20.17 -16.37 12.95
CA PRO A 178 19.53 -17.54 12.35
C PRO A 178 20.22 -18.83 12.76
N GLY A 179 19.40 -19.88 12.91
CA GLY A 179 19.91 -21.17 13.27
C GLY A 179 20.57 -21.87 12.10
N PRO A 180 21.10 -23.07 12.37
CA PRO A 180 21.75 -23.84 11.31
C PRO A 180 20.74 -24.34 10.29
N GLN A 181 21.22 -24.56 9.07
CA GLN A 181 20.36 -25.02 7.99
C GLN A 181 19.74 -26.36 8.35
N PRO A 182 18.42 -26.50 8.36
CA PRO A 182 17.80 -27.80 8.68
C PRO A 182 18.09 -28.83 7.60
N THR A 183 18.75 -29.92 8.00
CA THR A 183 19.11 -31.01 7.10
C THR A 183 18.88 -32.33 7.82
N ALA A 184 18.47 -33.34 7.05
CA ALA A 184 18.12 -34.63 7.62
C ALA A 184 18.34 -35.73 6.60
N GLU A 185 18.72 -36.90 7.09
CA GLU A 185 19.00 -38.06 6.25
C GLU A 185 18.34 -39.30 6.85
N THR A 186 18.13 -40.30 5.99
CA THR A 186 17.67 -41.61 6.45
C THR A 186 17.99 -42.63 5.36
N THR A 187 18.36 -43.84 5.77
CA THR A 187 18.69 -44.92 4.86
C THR A 187 17.87 -46.15 5.22
N ARG A 188 17.07 -46.61 4.26
CA ARG A 188 16.28 -47.84 4.43
C ARG A 188 16.98 -48.96 3.66
N GLN A 189 17.35 -50.01 4.38
CA GLN A 189 18.06 -51.14 3.81
C GLN A 189 17.18 -52.38 3.90
N PHE A 190 16.95 -53.03 2.76
CA PHE A 190 16.08 -54.19 2.68
C PHE A 190 16.89 -55.47 2.76
N LEU A 191 16.18 -56.59 2.96
CA LEU A 191 16.83 -57.86 3.22
C LEU A 191 17.02 -58.71 1.98
N MET A 192 16.13 -58.60 0.99
CA MET A 192 16.25 -59.41 -0.22
C MET A 192 17.64 -59.26 -0.82
N SER A 193 18.16 -58.03 -0.85
CA SER A 193 19.50 -57.75 -1.31
C SER A 193 20.12 -56.71 -0.39
N ASP A 194 21.44 -56.60 -0.46
CA ASP A 194 22.17 -55.59 0.30
C ASP A 194 22.20 -54.29 -0.51
N LYS A 195 21.03 -53.65 -0.58
CA LYS A 195 20.81 -52.47 -1.41
C LYS A 195 20.13 -51.41 -0.58
N PRO A 196 20.71 -50.21 -0.43
CA PRO A 196 20.07 -49.17 0.37
C PRO A 196 19.24 -48.19 -0.44
N LEU A 197 18.13 -47.72 0.15
CA LEU A 197 17.35 -46.62 -0.39
C LEU A 197 17.61 -45.40 0.49
N HIS A 198 18.30 -44.40 -0.06
CA HIS A 198 18.76 -43.24 0.69
C HIS A 198 17.90 -42.03 0.40
N LEU A 199 17.51 -41.32 1.45
CA LEU A 199 16.70 -40.11 1.34
C LEU A 199 17.40 -38.98 2.07
N GLU A 200 17.70 -37.91 1.36
CA GLU A 200 18.30 -36.71 1.93
C GLU A 200 17.41 -35.51 1.61
N ALA A 201 17.21 -34.65 2.60
CA ALA A 201 16.33 -33.50 2.45
C ALA A 201 16.88 -32.33 3.27
N SER A 202 16.61 -31.12 2.79
CA SER A 202 17.08 -29.93 3.46
C SER A 202 16.20 -28.75 3.09
N LEU A 203 16.14 -27.77 3.98
CA LEU A 203 15.43 -26.51 3.76
C LEU A 203 16.43 -25.39 3.47
N ASP A 204 15.95 -24.35 2.81
CA ASP A 204 16.84 -23.25 2.46
C ASP A 204 17.37 -22.53 3.69
N LYS A 205 16.51 -22.33 4.69
CA LYS A 205 16.91 -21.63 5.90
C LYS A 205 16.16 -22.21 7.09
N GLU A 206 16.53 -21.73 8.28
CA GLU A 206 15.93 -22.20 9.53
C GLU A 206 14.75 -21.33 9.96
N ILE A 207 14.82 -20.03 9.72
CA ILE A 207 13.77 -19.10 10.11
C ILE A 207 13.02 -18.66 8.87
N TYR A 208 11.69 -18.79 8.92
CA TYR A 208 10.81 -18.32 7.86
C TYR A 208 9.78 -17.38 8.44
N TYR A 209 9.35 -16.41 7.64
CA TYR A 209 8.28 -15.50 8.00
C TYR A 209 6.96 -16.00 7.42
N HIS A 210 5.86 -15.48 7.95
CA HIS A 210 4.54 -15.93 7.52
C HIS A 210 4.23 -15.40 6.13
N GLY A 211 3.75 -16.29 5.27
CA GLY A 211 3.52 -15.96 3.87
C GLY A 211 4.73 -16.15 2.98
N GLU A 212 5.89 -16.55 3.54
CA GLU A 212 7.10 -16.71 2.74
C GLU A 212 7.25 -18.17 2.31
N PRO A 213 7.83 -18.41 1.13
CA PRO A 213 7.95 -19.77 0.64
C PRO A 213 9.04 -20.55 1.35
N ILE A 214 8.82 -21.85 1.47
CA ILE A 214 9.81 -22.79 2.01
C ILE A 214 10.26 -23.69 0.87
N SER A 215 11.57 -23.76 0.65
CA SER A 215 12.14 -24.55 -0.42
C SER A 215 12.73 -25.83 0.17
N VAL A 216 12.26 -26.98 -0.31
CA VAL A 216 12.69 -28.29 0.18
C VAL A 216 13.52 -28.94 -0.92
N ASN A 217 14.84 -29.04 -0.69
CA ASN A 217 15.71 -29.76 -1.60
C ASN A 217 15.65 -31.25 -1.26
N VAL A 218 15.26 -32.07 -2.22
CA VAL A 218 15.08 -33.50 -2.01
C VAL A 218 16.02 -34.25 -2.94
N HIS A 219 16.74 -35.23 -2.39
CA HIS A 219 17.68 -36.05 -3.14
C HIS A 219 17.48 -37.50 -2.74
N VAL A 220 17.12 -38.34 -3.70
CA VAL A 220 16.83 -39.74 -3.47
C VAL A 220 17.79 -40.59 -4.28
N THR A 221 18.44 -41.54 -3.61
CA THR A 221 19.33 -42.51 -4.25
C THR A 221 18.71 -43.89 -4.07
N ASN A 222 18.07 -44.41 -5.12
CA ASN A 222 17.34 -45.67 -5.07
C ASN A 222 18.19 -46.75 -5.71
N ASN A 223 18.93 -47.49 -4.87
CA ASN A 223 19.74 -48.62 -5.33
C ASN A 223 19.02 -49.95 -5.15
N THR A 224 17.74 -49.94 -4.84
CA THR A 224 16.96 -51.14 -4.58
C THR A 224 16.23 -51.57 -5.85
N ASN A 225 15.56 -52.72 -5.77
CA ASN A 225 14.75 -53.20 -6.88
C ASN A 225 13.35 -52.60 -6.89
N LYS A 226 12.91 -52.01 -5.78
CA LYS A 226 11.58 -51.44 -5.68
C LYS A 226 11.53 -50.10 -6.41
N THR A 227 10.34 -49.51 -6.47
CA THR A 227 10.09 -48.27 -7.20
C THR A 227 9.36 -47.28 -6.31
N VAL A 228 9.78 -46.02 -6.37
CA VAL A 228 9.10 -44.92 -5.68
C VAL A 228 7.95 -44.45 -6.57
N LYS A 229 6.72 -44.65 -6.10
CA LYS A 229 5.56 -44.27 -6.90
C LYS A 229 5.21 -42.79 -6.75
N LYS A 230 5.32 -42.26 -5.53
CA LYS A 230 4.85 -40.91 -5.25
C LYS A 230 5.76 -40.29 -4.19
N ILE A 231 5.88 -38.96 -4.24
CA ILE A 231 6.63 -38.19 -3.26
C ILE A 231 5.67 -37.18 -2.64
N LYS A 232 5.49 -37.26 -1.33
CA LYS A 232 4.57 -36.40 -0.59
C LYS A 232 5.38 -35.45 0.28
N ILE A 233 5.23 -34.15 0.03
CA ILE A 233 5.83 -33.10 0.84
C ILE A 233 4.72 -32.44 1.64
N SER A 234 5.01 -32.03 2.87
CA SER A 234 3.99 -31.42 3.70
C SER A 234 4.61 -30.59 4.81
N VAL A 235 4.05 -29.40 5.03
CA VAL A 235 4.37 -28.56 6.18
C VAL A 235 3.30 -28.84 7.24
N ARG A 236 3.74 -29.29 8.42
CA ARG A 236 2.82 -29.77 9.44
C ARG A 236 3.01 -28.97 10.72
N GLN A 237 1.89 -28.56 11.32
CA GLN A 237 1.88 -27.79 12.55
C GLN A 237 1.78 -28.74 13.74
N TYR A 238 2.76 -28.68 14.64
CA TYR A 238 2.76 -29.47 15.86
C TYR A 238 2.28 -28.59 17.00
N ALA A 239 1.22 -29.01 17.66
CA ALA A 239 0.64 -28.28 18.78
C ALA A 239 0.60 -29.17 20.01
N ASP A 240 1.29 -28.73 21.06
CA ASP A 240 1.31 -29.44 22.33
C ASP A 240 0.49 -28.64 23.34
N ILE A 241 -0.60 -29.24 23.81
CA ILE A 241 -1.54 -28.56 24.71
C ILE A 241 -1.48 -29.26 26.06
N VAL A 242 -0.91 -28.56 27.05
CA VAL A 242 -0.67 -29.11 28.37
C VAL A 242 -1.58 -28.34 29.34
N LEU A 243 -2.75 -28.92 29.62
CA LEU A 243 -3.70 -28.33 30.56
C LEU A 243 -4.00 -29.32 31.67
N PHE A 244 -4.68 -30.41 31.37
CA PHE A 244 -4.89 -31.53 32.27
C PHE A 244 -4.42 -32.77 31.52
N ASN A 245 -3.52 -33.53 32.14
CA ASN A 245 -3.00 -34.71 31.45
C ASN A 245 -2.17 -34.22 30.26
N THR A 246 -2.41 -34.71 29.04
CA THR A 246 -1.67 -34.19 27.91
C THR A 246 -2.46 -34.40 26.62
N ALA A 247 -2.23 -33.52 25.66
CA ALA A 247 -2.85 -33.59 24.34
C ALA A 247 -1.86 -33.09 23.31
N GLN A 248 -2.10 -33.43 22.04
CA GLN A 248 -1.22 -33.01 20.95
C GLN A 248 -1.77 -33.52 19.63
N TYR A 249 -1.40 -32.83 18.54
CA TYR A 249 -1.84 -33.21 17.20
C TYR A 249 -0.93 -32.59 16.15
N LYS A 250 -0.90 -33.21 14.97
CA LYS A 250 -0.19 -32.71 13.80
C LYS A 250 -1.22 -32.45 12.70
N VAL A 251 -1.25 -31.24 12.14
CA VAL A 251 -2.20 -30.90 11.07
C VAL A 251 -1.48 -30.20 9.93
N PRO A 252 -1.60 -30.66 8.66
CA PRO A 252 -0.73 -30.15 7.58
C PRO A 252 -1.21 -28.82 7.02
N VAL A 253 -0.47 -27.75 7.36
CA VAL A 253 -0.83 -26.41 6.85
C VAL A 253 -0.38 -26.20 5.41
N ALA A 254 0.39 -27.13 4.84
CA ALA A 254 0.74 -27.11 3.43
C ALA A 254 0.98 -28.56 2.99
N MET A 255 0.87 -28.81 1.68
CA MET A 255 1.16 -30.16 1.20
C MET A 255 1.23 -30.17 -0.32
N GLU A 256 2.01 -31.13 -0.86
CA GLU A 256 2.11 -31.38 -2.29
C GLU A 256 2.36 -32.87 -2.49
N GLU A 257 1.58 -33.50 -3.37
CA GLU A 257 1.72 -34.91 -3.70
C GLU A 257 2.20 -35.01 -5.15
N ALA A 258 3.53 -34.99 -5.33
CA ALA A 258 4.13 -35.10 -6.65
C ALA A 258 4.11 -36.54 -7.12
N ASP A 259 3.76 -36.75 -8.38
CA ASP A 259 3.82 -38.06 -9.01
C ASP A 259 5.21 -38.35 -9.55
N ASP A 260 6.23 -37.75 -8.95
CA ASP A 260 7.61 -38.00 -9.38
C ASP A 260 8.00 -39.42 -9.02
N THR A 261 8.57 -40.14 -9.99
CA THR A 261 8.93 -41.54 -9.84
C THR A 261 10.44 -41.69 -9.84
N VAL A 262 10.93 -42.57 -8.96
CA VAL A 262 12.35 -42.91 -8.88
C VAL A 262 12.48 -44.38 -9.24
N ALA A 263 12.97 -44.67 -10.44
CA ALA A 263 13.08 -46.05 -10.90
C ALA A 263 14.18 -46.77 -10.14
N PRO A 264 14.20 -48.10 -10.21
CA PRO A 264 15.26 -48.86 -9.52
C PRO A 264 16.63 -48.53 -10.09
N SER A 265 17.64 -48.52 -9.21
CA SER A 265 19.02 -48.26 -9.60
C SER A 265 19.13 -46.93 -10.33
N SER A 266 18.61 -45.87 -9.70
CA SER A 266 18.65 -44.55 -10.29
C SER A 266 18.49 -43.52 -9.18
N THR A 267 18.92 -42.29 -9.47
CA THR A 267 18.85 -41.18 -8.54
C THR A 267 17.80 -40.18 -9.00
N PHE A 268 17.41 -39.30 -8.07
CA PHE A 268 16.40 -38.29 -8.34
C PHE A 268 16.69 -37.08 -7.45
N SER A 269 16.49 -35.89 -8.01
CA SER A 269 16.76 -34.65 -7.30
C SER A 269 15.80 -33.57 -7.78
N LYS A 270 15.13 -32.91 -6.84
CA LYS A 270 14.15 -31.90 -7.18
C LYS A 270 13.95 -30.98 -5.98
N VAL A 271 13.58 -29.73 -6.28
CA VAL A 271 13.31 -28.72 -5.27
C VAL A 271 11.81 -28.47 -5.27
N TYR A 272 11.18 -28.67 -4.11
CA TYR A 272 9.76 -28.41 -3.92
C TYR A 272 9.61 -27.13 -3.10
N THR A 273 8.64 -26.30 -3.47
CA THR A 273 8.41 -25.02 -2.80
C THR A 273 6.96 -24.95 -2.33
N LEU A 274 6.79 -24.84 -1.00
CA LEU A 274 5.48 -24.78 -0.38
C LEU A 274 5.38 -23.50 0.44
N THR A 275 4.17 -22.93 0.48
CA THR A 275 3.91 -21.72 1.26
C THR A 275 2.66 -21.94 2.11
N PRO A 276 2.79 -21.96 3.44
CA PRO A 276 1.61 -22.14 4.29
C PRO A 276 0.82 -20.85 4.43
N PHE A 277 -0.48 -20.93 4.19
CA PHE A 277 -1.37 -19.78 4.33
C PHE A 277 -2.74 -20.26 4.78
N LEU A 278 -3.54 -19.31 5.27
CA LEU A 278 -4.78 -19.65 5.95
C LEU A 278 -5.96 -19.84 5.00
N ALA A 279 -5.94 -19.22 3.83
CA ALA A 279 -7.11 -19.27 2.95
C ALA A 279 -7.53 -20.70 2.65
N ASN A 280 -6.57 -21.61 2.52
CA ASN A 280 -6.84 -23.01 2.21
C ASN A 280 -6.82 -23.90 3.45
N ASN A 281 -7.07 -23.33 4.63
CA ASN A 281 -7.11 -24.09 5.88
C ASN A 281 -8.26 -23.63 6.75
N ARG A 282 -9.30 -23.09 6.13
CA ARG A 282 -10.41 -22.49 6.87
C ARG A 282 -11.45 -23.50 7.30
N GLU A 283 -11.33 -24.74 6.82
CA GLU A 283 -12.18 -25.84 7.26
C GLU A 283 -11.58 -26.65 8.40
N LYS A 284 -10.33 -26.36 8.78
CA LYS A 284 -9.63 -27.13 9.81
C LYS A 284 -9.87 -26.46 11.16
N ARG A 285 -11.00 -26.78 11.76
CA ARG A 285 -11.36 -26.24 13.06
C ARG A 285 -10.39 -26.75 14.13
N GLY A 286 -10.01 -25.86 15.05
CA GLY A 286 -9.04 -26.17 16.07
C GLY A 286 -7.61 -25.85 15.70
N LEU A 287 -7.36 -25.43 14.45
CA LEU A 287 -6.01 -25.09 14.02
C LEU A 287 -5.49 -23.90 14.83
N ALA A 288 -4.20 -23.95 15.18
CA ALA A 288 -3.61 -22.93 16.03
C ALA A 288 -3.34 -21.66 15.22
N LEU A 289 -3.80 -20.53 15.75
CA LEU A 289 -3.61 -19.22 15.14
C LEU A 289 -3.05 -18.27 16.18
N ASP A 290 -2.43 -17.19 15.70
CA ASP A 290 -1.95 -16.16 16.61
C ASP A 290 -3.13 -15.47 17.28
N GLY A 291 -2.96 -15.12 18.55
CA GLY A 291 -4.04 -14.60 19.37
C GLY A 291 -4.85 -13.51 18.69
N LYS A 292 -6.16 -13.53 18.89
CA LYS A 292 -7.07 -12.56 18.30
C LYS A 292 -7.53 -11.60 19.38
N LEU A 293 -7.45 -10.30 19.09
CA LEU A 293 -7.89 -9.31 20.07
C LEU A 293 -9.35 -9.53 20.42
N LYS A 294 -10.19 -9.69 19.40
CA LYS A 294 -11.59 -10.03 19.63
C LYS A 294 -12.03 -11.07 18.61
N HIS A 295 -12.09 -10.68 17.33
CA HIS A 295 -12.46 -11.61 16.27
C HIS A 295 -11.67 -11.32 15.00
N GLU A 296 -10.50 -10.71 15.13
CA GLU A 296 -9.73 -10.32 13.96
C GLU A 296 -9.11 -11.55 13.31
N ASP A 297 -8.98 -11.49 11.98
CA ASP A 297 -8.36 -12.58 11.24
C ASP A 297 -6.85 -12.56 11.45
N THR A 298 -6.29 -13.70 11.89
CA THR A 298 -4.89 -13.79 12.24
C THR A 298 -4.25 -14.96 11.53
N ASN A 299 -2.93 -14.89 11.38
CA ASN A 299 -2.17 -15.87 10.62
C ASN A 299 -2.05 -17.17 11.40
N LEU A 300 -1.40 -18.15 10.77
CA LEU A 300 -1.07 -19.40 11.45
C LEU A 300 -0.16 -19.12 12.64
N ALA A 301 -0.44 -19.79 13.76
CA ALA A 301 0.24 -19.48 15.01
C ALA A 301 1.75 -19.54 14.84
N SER A 302 2.44 -18.54 15.39
CA SER A 302 3.89 -18.47 15.31
C SER A 302 4.51 -19.48 16.25
N SER A 303 5.64 -20.07 15.82
CA SER A 303 6.35 -21.03 16.65
C SER A 303 6.83 -20.36 17.93
N THR A 304 6.51 -20.96 19.07
CA THR A 304 6.93 -20.45 20.36
C THR A 304 8.23 -21.12 20.78
N LEU A 305 9.19 -20.31 21.21
CA LEU A 305 10.54 -20.77 21.55
C LEU A 305 10.73 -20.79 23.05
N LEU A 306 11.18 -21.92 23.57
CA LEU A 306 11.35 -22.15 25.00
C LEU A 306 12.79 -22.55 25.29
N ARG A 307 13.40 -21.90 26.27
CA ARG A 307 14.79 -22.15 26.61
C ARG A 307 14.89 -23.24 27.66
N GLU A 308 15.86 -24.13 27.49
CA GLU A 308 15.97 -25.36 28.29
C GLU A 308 14.60 -25.98 28.51
N GLU A 313 6.96 -29.50 29.57
CA GLU A 313 5.63 -29.55 30.15
C GLU A 313 5.24 -28.16 30.66
N ILE A 314 5.03 -27.25 29.71
CA ILE A 314 4.63 -25.87 29.99
C ILE A 314 3.17 -25.68 29.63
N LEU A 315 2.46 -24.93 30.47
CA LEU A 315 1.03 -24.75 30.32
C LEU A 315 0.67 -24.11 28.98
N GLY A 316 -0.59 -24.23 28.59
CA GLY A 316 -1.09 -23.57 27.39
C GLY A 316 -0.78 -24.36 26.13
N ILE A 317 -0.79 -23.63 25.02
CA ILE A 317 -0.59 -24.22 23.69
C ILE A 317 0.82 -23.86 23.21
N ILE A 318 1.63 -24.89 23.00
CA ILE A 318 2.98 -24.76 22.46
C ILE A 318 2.94 -25.22 21.02
N VAL A 319 3.32 -24.36 20.09
CA VAL A 319 3.21 -24.66 18.66
C VAL A 319 4.60 -24.68 18.05
N SER A 320 4.80 -25.62 17.13
CA SER A 320 6.05 -25.77 16.38
C SER A 320 5.70 -26.27 14.99
N TYR A 321 6.71 -26.31 14.12
CA TYR A 321 6.49 -26.71 12.73
C TYR A 321 7.60 -27.64 12.26
N LYS A 322 7.22 -28.57 11.39
CA LYS A 322 8.15 -29.51 10.78
C LYS A 322 7.71 -29.79 9.34
N VAL A 323 8.69 -30.02 8.47
CA VAL A 323 8.45 -30.43 7.10
C VAL A 323 8.71 -31.92 7.00
N LYS A 324 7.74 -32.67 6.46
CA LYS A 324 7.85 -34.11 6.29
C LYS A 324 7.97 -34.43 4.81
N VAL A 325 8.96 -35.24 4.46
CA VAL A 325 9.19 -35.70 3.09
C VAL A 325 9.05 -37.21 3.10
N LYS A 326 8.03 -37.73 2.42
CA LYS A 326 7.71 -39.15 2.45
C LYS A 326 7.77 -39.73 1.04
N LEU A 327 8.46 -40.86 0.91
CA LEU A 327 8.54 -41.61 -0.34
C LEU A 327 7.60 -42.81 -0.23
N VAL A 328 6.63 -42.88 -1.15
CA VAL A 328 5.70 -44.01 -1.19
C VAL A 328 6.32 -45.08 -2.08
N VAL A 329 6.66 -46.23 -1.48
CA VAL A 329 7.35 -47.31 -2.16
C VAL A 329 6.43 -48.52 -2.25
N SER A 330 6.50 -49.23 -3.38
CA SER A 330 5.81 -50.50 -3.57
C SER A 330 6.87 -51.59 -3.58
N ARG A 331 6.80 -52.49 -2.59
CA ARG A 331 7.82 -53.52 -2.45
C ARG A 331 7.50 -54.73 -3.33
N GLY A 332 6.48 -55.50 -2.94
CA GLY A 332 6.23 -56.74 -3.63
C GLY A 332 7.35 -57.74 -3.37
N GLY A 333 7.41 -58.76 -4.22
CA GLY A 333 8.48 -59.75 -4.14
C GLY A 333 8.29 -60.73 -3.00
N LEU A 334 9.37 -60.98 -2.26
CA LEU A 334 9.35 -62.00 -1.22
C LEU A 334 8.23 -61.77 -0.22
N LEU A 335 8.23 -60.61 0.42
CA LEU A 335 7.26 -60.29 1.46
C LEU A 335 5.97 -59.66 0.90
N GLY A 336 5.84 -59.59 -0.42
CA GLY A 336 4.63 -59.01 -0.99
C GLY A 336 4.45 -57.58 -0.53
N ASP A 337 3.20 -57.25 -0.17
CA ASP A 337 2.86 -55.94 0.36
C ASP A 337 2.55 -55.99 1.85
N LEU A 338 3.01 -57.03 2.55
CA LEU A 338 2.78 -57.12 3.99
C LEU A 338 3.68 -56.14 4.74
N ALA A 339 4.94 -56.05 4.37
CA ALA A 339 5.90 -55.17 5.02
C ALA A 339 5.96 -53.84 4.25
N SER A 340 5.66 -52.75 4.95
CA SER A 340 5.72 -51.44 4.32
C SER A 340 7.15 -51.06 4.00
N SER A 341 7.34 -50.43 2.84
CA SER A 341 8.65 -50.02 2.38
C SER A 341 8.78 -48.50 2.25
N ASP A 342 7.80 -47.75 2.76
CA ASP A 342 7.86 -46.30 2.67
C ASP A 342 9.03 -45.76 3.48
N VAL A 343 9.50 -44.58 3.09
CA VAL A 343 10.67 -43.95 3.70
C VAL A 343 10.37 -42.46 3.87
N ALA A 344 10.44 -41.98 5.11
CA ALA A 344 10.11 -40.59 5.42
C ALA A 344 11.23 -39.98 6.27
N VAL A 345 11.22 -38.64 6.30
CA VAL A 345 12.19 -37.87 7.07
C VAL A 345 11.52 -36.54 7.41
N GLU A 346 12.00 -35.90 8.48
CA GLU A 346 11.37 -34.68 8.99
C GLU A 346 12.42 -33.60 9.24
N LEU A 347 11.98 -32.35 9.11
CA LEU A 347 12.85 -31.18 9.19
C LEU A 347 12.17 -30.08 10.01
N PRO A 348 12.58 -29.85 11.25
CA PRO A 348 11.97 -28.79 12.05
C PRO A 348 12.45 -27.41 11.63
N PHE A 349 11.58 -26.41 11.81
CA PHE A 349 11.93 -25.04 11.44
C PHE A 349 11.07 -24.05 12.21
N THR A 350 11.52 -22.80 12.19
CA THR A 350 10.86 -21.69 12.87
C THR A 350 9.95 -20.93 11.92
N LEU A 351 8.79 -20.53 12.42
CA LEU A 351 7.82 -19.75 11.64
C LEU A 351 7.28 -18.66 12.56
N MET A 352 7.74 -17.43 12.36
CA MET A 352 7.23 -16.30 13.14
C MET A 352 7.57 -15.00 12.43
N HIS A 353 6.98 -13.92 12.93
CA HIS A 353 7.07 -12.61 12.31
C HIS A 353 8.38 -11.93 12.69
N PRO A 354 8.89 -11.05 11.82
CA PRO A 354 10.12 -10.30 12.16
C PRO A 354 9.85 -9.27 13.25
N LYS A 355 10.91 -8.91 13.96
CA LYS A 355 10.78 -7.94 15.04
C LYS A 355 10.40 -6.58 14.48
N PRO A 356 9.28 -5.99 14.90
CA PRO A 356 8.92 -4.64 14.40
C PRO A 356 9.92 -3.60 14.89
N LYS A 357 10.50 -2.85 13.96
CA LYS A 357 11.39 -1.76 14.31
C LYS A 357 10.59 -0.47 14.54
N VAL B 8 -18.16 -1.44 24.74
CA VAL B 8 -17.28 -2.46 24.17
C VAL B 8 -16.10 -1.78 23.49
N TYR B 9 -16.38 -0.64 22.86
CA TYR B 9 -15.36 0.08 22.10
C TYR B 9 -14.27 0.61 23.03
N ARG B 11 -11.00 3.29 23.17
CA ARG B 11 -10.47 4.45 22.47
C ARG B 11 -9.09 4.88 22.93
N GLY B 14 -4.21 11.27 23.90
CA GLY B 14 -2.85 11.81 23.98
C GLY B 14 -2.17 11.54 25.31
N GLU B 15 -0.85 11.71 25.32
CA GLU B 15 -0.05 11.49 26.53
C GLU B 15 0.84 12.68 26.83
N VAL C 1 13.17 -5.65 -7.49
CA VAL C 1 11.73 -5.75 -7.32
C VAL C 1 11.05 -4.82 -8.31
N GLN C 2 10.00 -5.30 -8.97
CA GLN C 2 9.34 -4.51 -9.99
C GLN C 2 7.91 -4.98 -10.19
N LEU C 3 7.07 -4.06 -10.67
CA LEU C 3 5.67 -4.33 -10.98
C LEU C 3 5.41 -3.85 -12.40
N VAL C 4 4.77 -4.69 -13.22
CA VAL C 4 4.58 -4.43 -14.65
C VAL C 4 3.11 -4.54 -15.00
N GLU C 5 2.55 -3.49 -15.59
CA GLU C 5 1.13 -3.45 -15.96
C GLU C 5 0.97 -3.60 -17.46
N SER C 6 -0.13 -4.26 -17.86
CA SER C 6 -0.46 -4.41 -19.27
C SER C 6 -1.97 -4.48 -19.41
N GLY C 7 -2.42 -4.52 -20.66
CA GLY C 7 -3.84 -4.66 -20.94
C GLY C 7 -4.65 -3.38 -20.94
N GLY C 8 -4.00 -2.23 -21.09
CA GLY C 8 -4.70 -0.95 -21.13
C GLY C 8 -4.97 -0.51 -22.55
N GLY C 9 -6.14 0.06 -22.77
CA GLY C 9 -6.51 0.49 -24.10
C GLY C 9 -7.91 1.06 -24.13
N LEU C 10 -8.30 1.55 -25.30
CA LEU C 10 -9.60 2.14 -25.50
C LEU C 10 -10.66 1.05 -25.63
N VAL C 11 -11.77 1.22 -24.92
CA VAL C 11 -12.89 0.28 -24.95
C VAL C 11 -14.18 1.08 -24.92
N GLN C 12 -15.14 0.70 -25.77
CA GLN C 12 -16.40 1.42 -25.83
C GLN C 12 -17.16 1.24 -24.52
N PRO C 13 -17.96 2.22 -24.13
CA PRO C 13 -18.68 2.11 -22.85
C PRO C 13 -19.59 0.90 -22.82
N GLY C 14 -19.64 0.24 -21.67
CA GLY C 14 -20.34 -1.02 -21.55
C GLY C 14 -19.54 -2.23 -22.00
N GLY C 15 -18.27 -2.04 -22.34
CA GLY C 15 -17.42 -3.12 -22.79
C GLY C 15 -16.67 -3.77 -21.65
N SER C 16 -15.58 -4.45 -22.00
CA SER C 16 -14.79 -5.19 -21.03
C SER C 16 -13.31 -5.09 -21.38
N LEU C 17 -12.49 -4.91 -20.34
CA LEU C 17 -11.06 -4.84 -20.45
C LEU C 17 -10.47 -5.56 -19.25
N ARG C 18 -9.25 -6.07 -19.40
CA ARG C 18 -8.59 -6.84 -18.34
C ARG C 18 -7.18 -6.34 -18.14
N LEU C 19 -6.74 -6.29 -16.88
CA LEU C 19 -5.43 -5.75 -16.52
C LEU C 19 -4.70 -6.70 -15.60
N SER C 20 -3.38 -6.73 -15.75
CA SER C 20 -2.52 -7.60 -14.97
C SER C 20 -1.20 -6.91 -14.65
N CYS C 21 -0.64 -7.19 -13.47
CA CYS C 21 0.64 -6.60 -13.08
C CYS C 21 1.56 -7.72 -12.57
N ALA C 22 2.78 -7.79 -13.15
CA ALA C 22 3.77 -8.78 -12.70
C ALA C 22 4.33 -8.37 -11.35
N ALA C 23 4.80 -9.36 -10.59
CA ALA C 23 5.38 -9.14 -9.27
C ALA C 23 6.77 -9.76 -9.21
N SER C 24 7.74 -8.95 -8.78
CA SER C 24 9.12 -9.40 -8.62
C SER C 24 9.62 -8.99 -7.25
N GLY C 25 10.26 -9.92 -6.54
CA GLY C 25 10.77 -9.67 -5.21
C GLY C 25 9.73 -9.67 -4.11
N PHE C 26 8.45 -9.86 -4.45
CA PHE C 26 7.37 -9.94 -3.47
C PHE C 26 6.69 -11.29 -3.62
N ASN C 27 6.50 -11.98 -2.50
CA ASN C 27 5.73 -13.22 -2.50
C ASN C 27 4.24 -12.88 -2.43
N VAL C 28 3.44 -13.63 -3.21
CA VAL C 28 2.02 -13.32 -3.30
C VAL C 28 1.37 -13.40 -1.92
N TYR C 29 1.69 -14.44 -1.15
CA TYR C 29 1.06 -14.62 0.14
C TYR C 29 1.61 -13.66 1.18
N SER C 30 2.86 -13.24 1.04
CA SER C 30 3.47 -12.29 1.97
C SER C 30 3.08 -10.85 1.69
N SER C 31 2.27 -10.59 0.66
CA SER C 31 1.89 -9.24 0.30
C SER C 31 0.44 -9.21 -0.17
N SER C 32 -0.09 -8.01 -0.34
CA SER C 32 -1.43 -7.77 -0.82
C SER C 32 -1.36 -6.81 -2.00
N ILE C 33 -2.14 -7.11 -3.05
CA ILE C 33 -2.04 -6.41 -4.33
C ILE C 33 -3.21 -5.44 -4.42
N HIS C 34 -2.95 -4.18 -4.09
CA HIS C 34 -3.93 -3.11 -4.20
C HIS C 34 -3.96 -2.55 -5.63
N TRP C 35 -5.00 -1.77 -5.91
CA TRP C 35 -5.15 -1.08 -7.19
C TRP C 35 -5.69 0.31 -6.91
N VAL C 36 -5.36 1.26 -7.80
CA VAL C 36 -5.71 2.66 -7.61
C VAL C 36 -6.15 3.24 -8.95
N ARG C 37 -6.85 4.37 -8.89
CA ARG C 37 -7.44 5.02 -10.07
C ARG C 37 -7.25 6.52 -9.93
N GLN C 38 -6.23 7.06 -10.61
CA GLN C 38 -5.97 8.50 -10.63
C GLN C 38 -6.09 8.99 -12.08
N ALA C 39 -7.20 9.65 -12.39
CA ALA C 39 -7.32 10.32 -13.67
C ALA C 39 -6.49 11.60 -13.66
N PRO C 40 -6.18 12.15 -14.85
CA PRO C 40 -5.30 13.32 -14.90
C PRO C 40 -5.78 14.46 -14.02
N GLY C 41 -4.96 14.84 -13.04
CA GLY C 41 -5.31 15.95 -12.16
C GLY C 41 -6.58 15.72 -11.37
N LYS C 42 -6.82 14.49 -10.92
CA LYS C 42 -8.02 14.17 -10.16
C LYS C 42 -7.74 13.52 -8.81
N GLY C 43 -6.56 12.96 -8.59
CA GLY C 43 -6.19 12.40 -7.30
C GLY C 43 -6.39 10.90 -7.25
N LEU C 44 -5.75 10.28 -6.26
CA LEU C 44 -5.76 8.83 -6.11
C LEU C 44 -7.10 8.37 -5.56
N GLU C 45 -7.61 7.26 -6.11
CA GLU C 45 -8.88 6.68 -5.68
C GLU C 45 -8.75 5.16 -5.72
N TRP C 46 -8.66 4.56 -4.54
CA TRP C 46 -8.53 3.12 -4.39
C TRP C 46 -9.72 2.38 -4.99
N VAL C 47 -9.47 1.47 -5.94
CA VAL C 47 -10.53 0.70 -6.57
C VAL C 47 -10.66 -0.71 -6.01
N ALA C 48 -9.57 -1.43 -5.77
CA ALA C 48 -9.71 -2.83 -5.34
C ALA C 48 -8.47 -3.32 -4.61
N SER C 49 -8.64 -4.44 -3.90
CA SER C 49 -7.57 -5.06 -3.14
C SER C 49 -7.79 -6.57 -3.08
N ILE C 50 -6.69 -7.32 -3.00
CA ILE C 50 -6.72 -8.78 -2.87
C ILE C 50 -5.72 -9.19 -1.80
N SER C 51 -6.16 -10.02 -0.86
CA SER C 51 -5.31 -10.59 0.18
C SER C 51 -5.19 -12.09 -0.09
N SER C 52 -4.03 -12.51 -0.61
CA SER C 52 -3.86 -13.91 -0.95
C SER C 52 -3.79 -14.80 0.28
N TYR C 53 -3.18 -14.29 1.36
CA TYR C 53 -3.02 -15.09 2.57
C TYR C 53 -4.36 -15.35 3.25
N TYR C 54 -5.28 -14.39 3.21
CA TYR C 54 -6.59 -14.54 3.82
C TYR C 54 -7.71 -14.66 2.79
N GLY C 55 -7.37 -14.76 1.51
CA GLY C 55 -8.35 -14.97 0.46
C GLY C 55 -9.55 -14.04 0.54
N TYR C 56 -9.30 -12.73 0.58
CA TYR C 56 -10.36 -11.74 0.66
C TYR C 56 -10.20 -10.75 -0.48
N THR C 57 -11.34 -10.32 -1.00
CA THR C 57 -11.42 -9.33 -2.06
C THR C 57 -12.16 -8.12 -1.52
N TYR C 58 -11.70 -6.93 -1.86
CA TYR C 58 -12.35 -5.71 -1.41
C TYR C 58 -12.54 -4.81 -2.63
N TYR C 59 -13.70 -4.15 -2.69
CA TYR C 59 -14.04 -3.34 -3.86
C TYR C 59 -14.57 -1.99 -3.41
N ALA C 60 -14.34 -0.98 -4.24
CA ALA C 60 -14.95 0.32 -4.02
C ALA C 60 -16.44 0.25 -4.33
N ASP C 61 -17.22 1.03 -3.59
CA ASP C 61 -18.67 0.94 -3.72
C ASP C 61 -19.11 1.19 -5.17
N SER C 62 -18.52 2.18 -5.83
CA SER C 62 -18.82 2.38 -7.24
C SER C 62 -18.38 1.18 -8.06
N VAL C 63 -17.19 0.66 -7.76
CA VAL C 63 -16.64 -0.49 -8.46
C VAL C 63 -17.44 -1.76 -8.17
N LYS C 64 -18.06 -1.85 -6.99
CA LYS C 64 -18.73 -3.08 -6.59
C LYS C 64 -19.69 -3.56 -7.67
N GLY C 65 -19.66 -4.86 -7.95
CA GLY C 65 -20.54 -5.43 -8.94
C GLY C 65 -20.09 -5.23 -10.37
N ARG C 66 -18.85 -4.81 -10.59
CA ARG C 66 -18.37 -4.53 -11.94
C ARG C 66 -16.99 -5.09 -12.18
N PHE C 67 -15.99 -4.62 -11.43
CA PHE C 67 -14.65 -5.18 -11.58
C PHE C 67 -14.54 -6.43 -10.71
N THR C 68 -13.67 -7.32 -11.13
CA THR C 68 -13.35 -8.49 -10.33
C THR C 68 -11.84 -8.55 -10.17
N ILE C 69 -11.36 -8.71 -8.93
CA ILE C 69 -9.92 -8.80 -8.67
C ILE C 69 -9.59 -10.25 -8.36
N SER C 70 -8.55 -10.76 -9.00
CA SER C 70 -8.13 -12.15 -8.85
C SER C 70 -6.61 -12.19 -8.84
N ALA C 71 -6.06 -13.39 -8.66
CA ALA C 71 -4.62 -13.54 -8.59
C ALA C 71 -4.22 -14.98 -8.88
N ASP C 72 -3.41 -15.18 -9.91
CA ASP C 72 -2.76 -16.46 -10.17
C ASP C 72 -1.51 -16.52 -9.29
N THR C 73 -1.60 -17.28 -8.20
CA THR C 73 -0.54 -17.26 -7.20
C THR C 73 0.77 -17.85 -7.72
N SER C 74 0.72 -18.72 -8.73
CA SER C 74 1.95 -19.33 -9.23
C SER C 74 2.76 -18.34 -10.06
N LYS C 75 2.13 -17.73 -11.06
CA LYS C 75 2.82 -16.76 -11.91
C LYS C 75 3.06 -15.43 -11.21
N ASN C 76 2.62 -15.27 -9.97
CA ASN C 76 2.79 -14.03 -9.22
C ASN C 76 2.25 -12.85 -10.02
N THR C 77 0.95 -12.90 -10.31
CA THR C 77 0.27 -11.87 -11.05
C THR C 77 -1.12 -11.66 -10.47
N ALA C 78 -1.61 -10.43 -10.58
CA ALA C 78 -2.96 -10.07 -10.14
C ALA C 78 -3.73 -9.51 -11.31
N TYR C 79 -4.93 -10.05 -11.55
CA TYR C 79 -5.71 -9.74 -12.74
C TYR C 79 -6.99 -9.03 -12.31
N LEU C 80 -7.09 -7.74 -12.65
CA LEU C 80 -8.30 -6.96 -12.40
C LEU C 80 -9.19 -7.05 -13.63
N GLN C 81 -10.26 -7.83 -13.54
CA GLN C 81 -11.17 -8.02 -14.67
C GLN C 81 -12.27 -6.97 -14.60
N MET C 82 -12.23 -6.00 -15.50
CA MET C 82 -13.18 -4.89 -15.51
C MET C 82 -14.29 -5.16 -16.52
N ASN C 83 -15.52 -5.21 -16.04
CA ASN C 83 -16.70 -5.44 -16.85
C ASN C 83 -17.66 -4.26 -16.73
N SER C 84 -18.43 -4.04 -17.79
CA SER C 84 -19.41 -2.96 -17.84
C SER C 84 -18.75 -1.62 -17.52
N LEU C 85 -17.76 -1.27 -18.34
CA LEU C 85 -16.97 -0.08 -18.10
C LEU C 85 -17.78 1.19 -18.39
N ARG C 86 -17.71 2.15 -17.49
CA ARG C 86 -18.32 3.46 -17.68
C ARG C 86 -17.29 4.41 -18.29
N ALA C 87 -17.79 5.45 -18.96
CA ALA C 87 -16.91 6.47 -19.49
C ALA C 87 -16.15 7.18 -18.37
N GLU C 88 -16.74 7.26 -17.18
CA GLU C 88 -16.11 7.92 -16.05
C GLU C 88 -14.89 7.16 -15.54
N ASP C 89 -14.77 5.87 -15.84
CA ASP C 89 -13.68 5.04 -15.34
C ASP C 89 -12.39 5.22 -16.13
N THR C 90 -12.25 6.30 -16.89
CA THR C 90 -11.03 6.57 -17.64
C THR C 90 -9.97 7.12 -16.69
N ALA C 91 -8.88 6.37 -16.50
CA ALA C 91 -7.86 6.79 -15.55
C ALA C 91 -6.62 5.94 -15.73
N VAL C 92 -5.55 6.36 -15.05
CA VAL C 92 -4.29 5.62 -15.00
C VAL C 92 -4.34 4.74 -13.76
N TYR C 93 -4.48 3.43 -13.96
CA TYR C 93 -4.64 2.49 -12.85
C TYR C 93 -3.27 1.94 -12.45
N TYR C 94 -2.84 2.24 -11.21
CA TYR C 94 -1.61 1.71 -10.65
C TYR C 94 -1.89 0.47 -9.80
N CYS C 95 -0.89 -0.41 -9.71
CA CYS C 95 -0.93 -1.63 -8.90
C CYS C 95 0.10 -1.48 -7.78
N ALA C 96 -0.35 -1.52 -6.53
CA ALA C 96 0.48 -1.22 -5.37
C ALA C 96 0.78 -2.50 -4.57
N ARG C 97 1.76 -2.37 -3.66
CA ARG C 97 2.19 -3.46 -2.80
C ARG C 97 2.04 -3.06 -1.34
N SER C 98 1.59 -4.01 -0.52
CA SER C 98 1.40 -3.77 0.90
C SER C 98 1.94 -4.97 1.69
N ARG C 99 2.36 -4.70 2.92
CA ARG C 99 2.85 -5.75 3.80
C ARG C 99 1.67 -6.55 4.34
N GLN C 100 1.65 -7.85 4.05
CA GLN C 100 0.53 -8.67 4.49
C GLN C 100 0.43 -8.70 6.02
N PHE C 101 1.57 -8.79 6.70
CA PHE C 101 1.62 -8.79 8.17
C PHE C 101 2.60 -7.72 8.64
N TRP C 102 2.10 -6.59 9.14
CA TRP C 102 0.72 -6.12 8.99
C TRP C 102 0.78 -4.89 8.09
N TYR C 103 -0.38 -4.31 7.78
CA TYR C 103 -0.43 -3.23 6.81
C TYR C 103 0.57 -2.12 7.16
N SER C 104 1.34 -1.70 6.16
CA SER C 104 2.32 -0.64 6.32
C SER C 104 2.12 0.50 5.32
N GLY C 105 1.01 0.51 4.60
CA GLY C 105 0.79 1.46 3.54
C GLY C 105 1.16 0.90 2.18
N LEU C 106 1.13 1.77 1.19
CA LEU C 106 1.46 1.41 -0.20
C LEU C 106 2.93 1.80 -0.43
N ASP C 107 3.83 0.86 -0.15
CA ASP C 107 5.26 1.16 -0.18
C ASP C 107 5.88 1.03 -1.55
N TYR C 108 5.21 0.39 -2.51
CA TYR C 108 5.74 0.31 -3.86
C TYR C 108 4.59 0.26 -4.86
N TRP C 109 4.82 0.88 -6.02
CA TRP C 109 3.82 0.98 -7.08
C TRP C 109 4.46 0.63 -8.40
N GLY C 110 3.64 0.12 -9.33
CA GLY C 110 4.04 0.02 -10.72
C GLY C 110 3.76 1.30 -11.47
N GLN C 111 4.36 1.43 -12.65
CA GLN C 111 4.20 2.65 -13.42
C GLN C 111 2.74 2.88 -13.80
N GLY C 112 2.03 1.81 -14.14
CA GLY C 112 0.61 1.90 -14.40
C GLY C 112 0.26 2.15 -15.87
N THR C 113 -0.47 1.22 -16.46
CA THR C 113 -0.90 1.36 -17.84
C THR C 113 -2.13 2.27 -17.93
N LEU C 114 -2.33 2.84 -19.11
CA LEU C 114 -3.39 3.82 -19.33
C LEU C 114 -4.65 3.12 -19.78
N VAL C 115 -5.77 3.43 -19.12
CA VAL C 115 -7.08 2.87 -19.45
C VAL C 115 -7.98 4.01 -19.95
N THR C 116 -8.65 3.77 -21.07
CA THR C 116 -9.53 4.75 -21.68
C THR C 116 -10.87 4.10 -22.01
N VAL C 117 -11.95 4.83 -21.75
CA VAL C 117 -13.31 4.36 -22.01
C VAL C 117 -14.09 5.51 -22.64
N SER C 118 -14.48 5.35 -23.90
CA SER C 118 -15.25 6.37 -24.58
C SER C 118 -15.86 5.77 -25.85
N SER C 119 -16.98 6.37 -26.28
CA SER C 119 -17.62 5.93 -27.51
C SER C 119 -16.79 6.33 -28.73
N ALA C 120 -16.05 7.42 -28.64
CA ALA C 120 -15.19 7.83 -29.75
C ALA C 120 -14.19 6.74 -30.08
N SER C 121 -13.77 6.71 -31.34
CA SER C 121 -12.85 5.71 -31.84
C SER C 121 -11.45 6.30 -32.01
N THR C 122 -10.46 5.43 -32.08
CA THR C 122 -9.08 5.85 -32.27
C THR C 122 -8.93 6.58 -33.60
N LYS C 123 -8.27 7.74 -33.57
CA LYS C 123 -8.09 8.60 -34.73
C LYS C 123 -6.65 9.06 -34.78
N GLY C 124 -6.09 9.19 -35.99
CA GLY C 124 -4.74 9.65 -36.17
C GLY C 124 -4.60 11.15 -35.96
N PRO C 125 -3.46 11.61 -35.42
CA PRO C 125 -3.28 13.05 -35.22
C PRO C 125 -3.11 13.80 -36.54
N SER C 126 -3.76 14.96 -36.62
CA SER C 126 -3.60 15.87 -37.75
C SER C 126 -2.68 17.02 -37.32
N VAL C 127 -1.45 17.02 -37.82
CA VAL C 127 -0.44 17.99 -37.42
C VAL C 127 -0.42 19.14 -38.43
N PHE C 128 -0.63 20.35 -37.93
CA PHE C 128 -0.52 21.57 -38.73
C PHE C 128 0.54 22.46 -38.10
N PRO C 129 1.62 22.83 -38.80
CA PRO C 129 2.66 23.61 -38.14
C PRO C 129 2.19 25.00 -37.74
N LEU C 130 2.85 25.53 -36.72
CA LEU C 130 2.62 26.89 -36.23
C LEU C 130 3.82 27.69 -36.68
N ALA C 131 3.73 28.28 -37.86
CA ALA C 131 4.88 28.95 -38.43
C ALA C 131 5.27 30.14 -37.54
N PRO C 132 6.58 30.33 -37.27
CA PRO C 132 6.99 31.52 -36.51
C PRO C 132 6.81 32.81 -37.29
N SER C 133 5.85 33.64 -36.86
CA SER C 133 5.61 34.92 -37.50
C SER C 133 6.49 36.00 -36.86
N SER C 134 6.32 37.25 -37.33
CA SER C 134 7.00 38.36 -36.68
C SER C 134 6.60 38.47 -35.22
N LYS C 135 5.35 38.16 -34.91
CA LYS C 135 4.89 38.14 -33.53
C LYS C 135 5.73 37.18 -32.69
N SER C 136 6.09 36.03 -33.27
CA SER C 136 6.76 34.98 -32.52
C SER C 136 8.16 35.41 -32.07
N THR C 137 8.86 36.17 -32.90
CA THR C 137 10.23 36.58 -32.60
C THR C 137 10.21 37.82 -31.73
N SER C 138 10.77 37.72 -30.53
CA SER C 138 10.91 38.85 -29.63
C SER C 138 12.13 38.66 -28.76
N GLY C 139 12.80 39.77 -28.44
CA GLY C 139 14.00 39.70 -27.63
C GLY C 139 15.17 39.03 -28.29
N GLY C 140 15.15 38.90 -29.62
CA GLY C 140 16.21 38.23 -30.35
C GLY C 140 16.06 36.73 -30.44
N THR C 141 14.96 36.16 -29.95
CA THR C 141 14.73 34.73 -29.94
C THR C 141 13.37 34.43 -30.53
N ALA C 142 13.31 33.41 -31.39
CA ALA C 142 12.08 33.03 -32.09
C ALA C 142 11.65 31.65 -31.63
N ALA C 143 10.40 31.29 -31.96
CA ALA C 143 9.78 30.07 -31.45
C ALA C 143 9.06 29.32 -32.55
N LEU C 144 9.45 28.06 -32.76
CA LEU C 144 8.74 27.15 -33.64
C LEU C 144 7.59 26.46 -32.89
N GLY C 145 6.67 25.86 -33.65
CA GLY C 145 5.66 25.03 -33.02
C GLY C 145 4.88 24.11 -33.94
N CYS C 146 4.48 22.96 -33.40
CA CYS C 146 3.64 21.97 -34.06
C CYS C 146 2.39 21.73 -33.23
N LEU C 147 1.24 21.64 -33.89
CA LEU C 147 -0.02 21.42 -33.20
C LEU C 147 -0.55 20.05 -33.58
N VAL C 148 -0.79 19.21 -32.57
CA VAL C 148 -1.33 17.87 -32.75
C VAL C 148 -2.80 17.90 -32.31
N LYS C 149 -3.73 17.78 -33.26
CA LYS C 149 -5.15 17.97 -32.98
C LYS C 149 -5.96 16.96 -33.79
N ASP C 150 -7.04 16.45 -33.19
CA ASP C 150 -8.05 15.53 -33.73
C ASP C 150 -7.75 14.05 -33.42
N TYR C 151 -6.66 13.72 -32.77
CA TYR C 151 -6.43 12.35 -32.33
C TYR C 151 -7.24 12.09 -31.06
N PHE C 152 -7.84 10.89 -30.96
CA PHE C 152 -8.57 10.64 -29.72
C PHE C 152 -7.74 9.99 -28.62
N PRO C 153 -7.01 8.90 -28.89
CA PRO C 153 -6.31 8.21 -27.79
C PRO C 153 -5.31 9.14 -27.11
N GLU C 154 -5.14 8.94 -25.79
CA GLU C 154 -4.28 9.80 -24.99
C GLU C 154 -2.78 9.70 -25.33
N PRO C 155 -2.23 8.53 -25.71
CA PRO C 155 -0.77 8.44 -25.85
C PRO C 155 -0.26 9.04 -27.15
N VAL C 156 0.52 10.12 -27.03
CA VAL C 156 1.18 10.75 -28.17
C VAL C 156 2.51 11.30 -27.67
N THR C 157 3.61 10.91 -28.33
CA THR C 157 4.95 11.35 -27.96
C THR C 157 5.56 12.13 -29.13
N VAL C 158 5.94 13.37 -28.87
CA VAL C 158 6.45 14.27 -29.90
C VAL C 158 7.84 14.74 -29.49
N SER C 159 8.79 14.64 -30.40
CA SER C 159 10.17 15.07 -30.14
C SER C 159 10.70 15.74 -31.40
N TRP C 160 11.31 16.90 -31.24
CA TRP C 160 11.80 17.65 -32.38
C TRP C 160 13.10 17.04 -32.90
N ASN C 161 13.20 16.95 -34.23
CA ASN C 161 14.36 16.35 -34.87
C ASN C 161 14.62 14.95 -34.32
N SER C 162 13.54 14.23 -34.03
CA SER C 162 13.63 12.87 -33.48
C SER C 162 14.42 12.85 -32.17
N GLY C 163 14.20 13.86 -31.34
CA GLY C 163 14.85 13.94 -30.05
C GLY C 163 16.19 14.65 -30.04
N ALA C 164 16.72 15.01 -31.20
CA ALA C 164 17.99 15.73 -31.23
C ALA C 164 17.86 17.12 -30.63
N LEU C 165 16.69 17.73 -30.77
CA LEU C 165 16.41 19.08 -30.28
C LEU C 165 15.64 18.95 -28.96
N THR C 166 16.35 19.07 -27.82
CA THR C 166 15.68 19.03 -26.52
C THR C 166 15.87 20.33 -25.74
N SER C 167 16.30 21.41 -26.41
CA SER C 167 16.54 22.69 -25.75
C SER C 167 15.42 23.65 -26.10
N GLY C 168 14.86 24.30 -25.08
CA GLY C 168 13.78 25.25 -25.28
C GLY C 168 12.44 24.64 -25.63
N VAL C 169 12.34 23.32 -25.68
CA VAL C 169 11.09 22.66 -26.07
C VAL C 169 10.11 22.69 -24.90
N HIS C 170 8.82 22.81 -25.24
CA HIS C 170 7.75 22.89 -24.24
C HIS C 170 6.56 22.11 -24.79
N THR C 171 6.37 20.88 -24.30
CA THR C 171 5.24 20.04 -24.70
C THR C 171 4.10 20.24 -23.71
N PHE C 172 3.01 20.80 -24.19
CA PHE C 172 1.82 21.10 -23.39
C PHE C 172 0.99 19.83 -23.17
N PRO C 173 0.44 19.63 -21.98
CA PRO C 173 -0.43 18.47 -21.79
C PRO C 173 -1.64 18.50 -22.73
N ALA C 174 -2.02 17.31 -23.18
CA ALA C 174 -3.22 17.18 -24.02
C ALA C 174 -4.48 17.43 -23.19
N VAL C 175 -5.51 17.97 -23.83
CA VAL C 175 -6.78 18.27 -23.16
C VAL C 175 -7.92 17.70 -24.01
N LEU C 176 -8.89 17.06 -23.35
CA LEU C 176 -10.02 16.48 -24.06
C LEU C 176 -10.98 17.61 -24.39
N GLN C 177 -11.68 17.49 -25.50
CA GLN C 177 -12.45 18.62 -26.00
C GLN C 177 -13.93 18.27 -26.15
N SER C 178 -14.72 19.25 -26.64
CA SER C 178 -16.14 19.00 -26.85
C SER C 178 -16.35 17.87 -27.85
N SER C 179 -15.54 17.83 -28.91
CA SER C 179 -15.58 16.70 -29.83
C SER C 179 -15.22 15.41 -29.12
N GLY C 180 -14.34 15.50 -28.12
CA GLY C 180 -13.81 14.35 -27.42
C GLY C 180 -12.41 13.99 -27.85
N LEU C 181 -12.01 14.44 -29.03
CA LEU C 181 -10.65 14.23 -29.52
C LEU C 181 -9.68 15.06 -28.70
N TYR C 182 -8.51 14.51 -28.42
CA TYR C 182 -7.52 15.21 -27.61
C TYR C 182 -6.66 16.11 -28.50
N SER C 183 -6.32 17.31 -28.00
CA SER C 183 -5.51 18.27 -28.73
C SER C 183 -4.32 18.72 -27.88
N LEU C 184 -3.12 18.66 -28.47
CA LEU C 184 -1.87 18.96 -27.78
C LEU C 184 -0.99 19.85 -28.67
N SER C 185 -0.35 20.86 -28.08
CA SER C 185 0.50 21.80 -28.81
C SER C 185 1.93 21.70 -28.28
N SER C 186 2.93 21.75 -29.18
CA SER C 186 4.33 21.63 -28.79
C SER C 186 5.16 22.70 -29.47
N VAL C 187 5.94 23.47 -28.69
CA VAL C 187 6.71 24.58 -29.23
C VAL C 187 8.12 24.61 -28.65
N VAL C 188 9.05 25.18 -29.43
CA VAL C 188 10.46 25.30 -29.08
C VAL C 188 10.87 26.76 -29.29
N THR C 189 11.98 27.14 -28.67
CA THR C 189 12.56 28.47 -28.84
C THR C 189 13.98 28.33 -29.35
N VAL C 190 14.24 28.90 -30.52
CA VAL C 190 15.52 28.76 -31.22
C VAL C 190 15.97 30.16 -31.64
N PRO C 191 17.25 30.51 -31.51
CA PRO C 191 17.67 31.86 -31.89
C PRO C 191 17.28 32.21 -33.32
N SER C 192 16.97 33.48 -33.53
CA SER C 192 16.52 33.94 -34.83
C SER C 192 17.65 33.90 -35.85
N SER C 193 18.87 34.24 -35.44
CA SER C 193 19.99 34.21 -36.38
C SER C 193 20.19 32.81 -36.94
N SER C 194 19.99 31.78 -36.11
CA SER C 194 20.05 30.41 -36.62
C SER C 194 18.78 30.05 -37.39
N LEU C 195 17.64 30.58 -36.99
CA LEU C 195 16.43 30.46 -37.80
C LEU C 195 16.70 30.89 -39.24
N GLY C 196 16.37 30.03 -40.21
CA GLY C 196 16.54 30.33 -41.64
C GLY C 196 17.69 29.56 -42.23
N THR C 197 18.91 29.76 -41.71
CA THR C 197 20.13 29.05 -42.18
C THR C 197 19.95 27.55 -41.90
N GLN C 198 19.33 27.18 -40.78
CA GLN C 198 19.17 25.76 -40.37
C GLN C 198 17.69 25.40 -40.38
N THR C 199 17.35 24.12 -40.62
CA THR C 199 15.95 23.63 -40.68
C THR C 199 15.70 22.71 -39.48
N TYR C 200 14.53 22.80 -38.84
CA TYR C 200 14.17 22.00 -37.65
C TYR C 200 12.81 21.36 -37.91
N ILE C 201 12.57 20.15 -37.40
CA ILE C 201 11.30 19.41 -37.63
C ILE C 201 10.76 18.89 -36.31
N CYS C 202 9.51 18.45 -36.23
CA CYS C 202 8.84 17.83 -35.08
C CYS C 202 8.44 16.39 -35.39
N ASN C 203 8.97 15.43 -34.60
CA ASN C 203 8.71 14.01 -34.81
C ASN C 203 7.48 13.60 -33.98
N VAL C 204 6.31 13.90 -34.51
CA VAL C 204 5.08 13.49 -33.87
C VAL C 204 4.86 12.00 -34.13
N ASN C 205 4.43 11.27 -33.10
CA ASN C 205 4.18 9.85 -33.19
C ASN C 205 2.94 9.49 -32.39
N HIS C 206 2.15 8.55 -32.90
CA HIS C 206 0.90 8.14 -32.26
C HIS C 206 0.77 6.63 -32.46
N LYS C 207 1.16 5.87 -31.44
CA LYS C 207 1.20 4.42 -31.56
C LYS C 207 -0.15 3.78 -31.82
N PRO C 208 -1.26 4.22 -31.22
CA PRO C 208 -2.54 3.52 -31.45
C PRO C 208 -2.92 3.39 -32.91
N SER C 209 -2.82 4.46 -33.68
CA SER C 209 -3.18 4.45 -35.08
C SER C 209 -1.98 4.30 -36.02
N ASN C 210 -0.77 4.19 -35.47
CA ASN C 210 0.43 3.98 -36.27
C ASN C 210 0.57 5.07 -37.34
N THR C 211 0.94 6.27 -36.90
CA THR C 211 1.07 7.43 -37.76
C THR C 211 2.29 8.24 -37.32
N LYS C 212 3.42 7.99 -37.98
CA LYS C 212 4.61 8.82 -37.79
C LYS C 212 4.48 10.09 -38.63
N VAL C 213 4.96 11.20 -38.07
CA VAL C 213 4.85 12.51 -38.71
C VAL C 213 6.21 13.17 -38.73
N ASP C 214 6.56 13.76 -39.87
CA ASP C 214 7.83 14.47 -40.03
C ASP C 214 7.58 15.87 -40.58
N LYS C 215 6.48 16.49 -40.15
CA LYS C 215 6.14 17.83 -40.64
C LYS C 215 7.20 18.83 -40.20
N LYS C 216 7.49 19.79 -41.08
CA LYS C 216 8.56 20.75 -40.88
C LYS C 216 7.95 22.16 -40.82
N VAL C 217 8.49 23.00 -39.94
CA VAL C 217 7.96 24.34 -39.73
C VAL C 217 8.81 25.35 -40.50
N GLU C 218 8.14 26.25 -41.21
CA GLU C 218 8.77 27.31 -41.99
C GLU C 218 8.13 28.64 -41.65
N PRO C 219 8.93 29.70 -41.46
CA PRO C 219 8.36 30.97 -40.98
C PRO C 219 7.34 31.55 -41.95
N LYS C 220 6.32 32.20 -41.39
CA LYS C 220 5.27 32.84 -42.17
C LYS C 220 5.57 34.33 -42.36
N SER D 1 -20.99 8.67 2.95
CA SER D 1 -21.00 7.69 4.03
C SER D 1 -19.61 7.08 4.24
N ASP D 2 -18.58 7.76 3.72
CA ASP D 2 -17.21 7.31 3.82
C ASP D 2 -16.32 8.42 4.37
N ILE D 3 -15.25 8.03 5.06
CA ILE D 3 -14.32 9.01 5.60
C ILE D 3 -13.65 9.75 4.46
N GLN D 4 -13.53 11.07 4.60
CA GLN D 4 -12.89 11.91 3.62
C GLN D 4 -11.73 12.67 4.26
N MET D 5 -10.72 12.96 3.44
CA MET D 5 -9.53 13.65 3.88
C MET D 5 -9.56 15.09 3.37
N THR D 6 -8.97 15.99 4.15
CA THR D 6 -9.00 17.42 3.85
C THR D 6 -7.59 17.98 3.99
N GLN D 7 -6.80 17.85 2.93
CA GLN D 7 -5.49 18.49 2.92
C GLN D 7 -5.71 20.00 2.94
N SER D 8 -5.17 20.66 3.95
CA SER D 8 -5.44 22.10 4.03
C SER D 8 -4.66 22.84 2.97
N PRO D 9 -3.36 22.63 2.80
CA PRO D 9 -2.65 23.33 1.74
C PRO D 9 -3.17 22.92 0.38
N SER D 10 -3.31 23.89 -0.51
CA SER D 10 -3.74 23.67 -1.88
C SER D 10 -2.62 23.89 -2.88
N SER D 11 -1.86 24.99 -2.74
CA SER D 11 -0.72 25.28 -3.62
C SER D 11 0.36 25.97 -2.79
N LEU D 12 1.09 25.16 -2.01
CA LEU D 12 2.23 25.67 -1.25
C LEU D 12 3.38 26.00 -2.18
N SER D 13 4.09 27.09 -1.87
CA SER D 13 5.26 27.51 -2.63
C SER D 13 6.31 28.01 -1.65
N ALA D 14 7.54 27.51 -1.78
CA ALA D 14 8.61 27.88 -0.85
C ALA D 14 9.95 27.79 -1.56
N SER D 15 10.91 28.53 -1.01
CA SER D 15 12.27 28.54 -1.53
C SER D 15 13.05 27.35 -1.00
N VAL D 16 14.22 27.10 -1.59
CA VAL D 16 15.05 25.98 -1.18
C VAL D 16 15.51 26.19 0.26
N GLY D 17 15.52 25.12 1.03
CA GLY D 17 15.97 25.16 2.41
C GLY D 17 14.92 25.57 3.41
N ASP D 18 13.67 25.80 2.98
CA ASP D 18 12.63 26.21 3.90
C ASP D 18 12.03 25.01 4.62
N ARG D 19 11.36 25.30 5.73
CA ARG D 19 10.67 24.28 6.53
C ARG D 19 9.18 24.38 6.19
N VAL D 20 8.69 23.42 5.41
CA VAL D 20 7.31 23.43 4.93
C VAL D 20 6.52 22.37 5.68
N THR D 21 5.24 22.67 5.92
CA THR D 21 4.35 21.81 6.67
C THR D 21 3.04 21.62 5.92
N ILE D 22 2.53 20.39 5.93
CA ILE D 22 1.30 20.03 5.25
C ILE D 22 0.42 19.28 6.25
N THR D 23 -0.85 19.68 6.34
CA THR D 23 -1.76 19.15 7.34
C THR D 23 -3.05 18.68 6.68
N CYS D 24 -3.52 17.52 7.12
CA CYS D 24 -4.70 16.87 6.58
C CYS D 24 -5.59 16.48 7.77
N ARG D 25 -6.84 16.97 7.79
CA ARG D 25 -7.75 16.73 8.91
C ARG D 25 -8.69 15.60 8.51
N ALA D 26 -8.65 14.51 9.27
CA ALA D 26 -9.56 13.40 9.00
C ALA D 26 -10.97 13.78 9.41
N SER D 27 -11.95 13.37 8.60
CA SER D 27 -13.34 13.68 8.92
C SER D 27 -13.72 13.16 10.29
N GLN D 28 -13.42 11.90 10.57
CA GLN D 28 -13.52 11.31 11.89
C GLN D 28 -12.21 10.61 12.21
N SER D 29 -11.92 10.45 13.50
CA SER D 29 -10.64 9.93 13.93
C SER D 29 -10.31 8.62 13.24
N VAL D 30 -9.19 8.59 12.53
CA VAL D 30 -8.68 7.38 11.90
C VAL D 30 -7.52 6.78 12.70
N SER D 31 -7.35 7.21 13.95
CA SER D 31 -6.22 6.76 14.76
C SER D 31 -4.91 7.13 14.08
N SER D 32 -3.81 6.51 14.51
CA SER D 32 -2.50 6.81 13.97
C SER D 32 -2.26 6.15 12.61
N ALA D 33 -3.30 5.60 11.99
CA ALA D 33 -3.18 4.94 10.68
C ALA D 33 -3.30 5.99 9.58
N VAL D 34 -2.16 6.62 9.31
CA VAL D 34 -1.98 7.71 8.35
C VAL D 34 -0.62 7.58 7.67
N ALA D 35 -0.63 7.72 6.34
CA ALA D 35 0.56 7.62 5.51
C ALA D 35 0.65 8.82 4.58
N TRP D 36 1.89 9.19 4.26
CA TRP D 36 2.20 10.32 3.40
C TRP D 36 2.96 9.84 2.18
N TYR D 37 2.74 10.52 1.05
CA TYR D 37 3.30 10.08 -0.22
C TYR D 37 3.88 11.25 -1.00
N GLN D 38 4.77 10.92 -1.94
CA GLN D 38 5.39 11.87 -2.85
C GLN D 38 5.21 11.33 -4.26
N GLN D 39 4.67 12.16 -5.16
CA GLN D 39 4.47 11.74 -6.54
C GLN D 39 5.00 12.82 -7.47
N LYS D 40 6.00 12.45 -8.29
CA LYS D 40 6.50 13.34 -9.33
C LYS D 40 5.57 13.28 -10.54
N PRO D 41 5.51 14.34 -11.34
CA PRO D 41 4.59 14.34 -12.49
C PRO D 41 4.99 13.30 -13.51
N GLY D 42 4.02 12.49 -13.93
CA GLY D 42 4.27 11.40 -14.85
C GLY D 42 4.91 10.18 -14.23
N LYS D 43 4.98 10.11 -12.90
CA LYS D 43 5.60 9.01 -12.19
C LYS D 43 4.61 8.46 -11.17
N ALA D 44 4.89 7.27 -10.68
CA ALA D 44 4.05 6.67 -9.66
C ALA D 44 4.46 7.14 -8.27
N PRO D 45 3.55 7.07 -7.29
CA PRO D 45 3.86 7.62 -5.96
C PRO D 45 4.91 6.80 -5.22
N LYS D 46 5.44 7.43 -4.17
CA LYS D 46 6.39 6.80 -3.25
C LYS D 46 5.90 6.99 -1.83
N LEU D 47 6.26 6.06 -0.94
CA LEU D 47 5.87 6.12 0.46
C LEU D 47 6.97 6.75 1.29
N LEU D 48 6.57 7.65 2.18
CA LEU D 48 7.45 8.51 2.95
C LEU D 48 7.38 8.17 4.42
N ILE D 49 6.18 8.26 4.98
CA ILE D 49 5.89 8.03 6.40
C ILE D 49 4.71 7.07 6.51
N TYR D 50 4.78 6.15 7.47
CA TYR D 50 3.67 5.25 7.78
C TYR D 50 3.36 5.32 9.27
N SER D 51 2.16 4.90 9.63
CA SER D 51 1.69 4.97 11.01
C SER D 51 1.82 6.39 11.55
N ALA D 52 1.54 7.36 10.68
CA ALA D 52 1.52 8.79 11.03
C ALA D 52 2.91 9.37 11.18
N SER D 53 3.76 8.79 12.04
CA SER D 53 5.04 9.40 12.38
C SER D 53 6.25 8.49 12.19
N SER D 54 6.07 7.28 11.67
CA SER D 54 7.17 6.33 11.52
C SER D 54 7.77 6.48 10.13
N LEU D 55 8.94 7.11 10.06
CA LEU D 55 9.63 7.30 8.79
C LEU D 55 9.92 5.95 8.13
N TYR D 56 9.75 5.90 6.81
CA TYR D 56 10.02 4.69 6.05
C TYR D 56 11.48 4.67 5.58
N SER D 57 12.00 3.47 5.38
CA SER D 57 13.38 3.31 4.92
C SER D 57 13.52 3.77 3.47
N GLY D 58 14.70 4.27 3.14
CA GLY D 58 14.92 4.85 1.84
C GLY D 58 14.37 6.25 1.69
N VAL D 59 14.07 6.90 2.82
CA VAL D 59 13.53 8.27 2.84
C VAL D 59 14.53 9.13 3.61
N PRO D 60 14.78 10.37 3.21
CA PRO D 60 15.78 11.18 3.94
C PRO D 60 15.41 11.44 5.39
N SER D 61 16.43 11.86 6.15
CA SER D 61 16.27 12.21 7.55
C SER D 61 15.39 13.44 7.72
N ARG D 62 15.40 14.35 6.76
CA ARG D 62 14.65 15.59 6.87
C ARG D 62 13.16 15.33 7.08
N PHE D 63 12.62 14.32 6.41
CA PHE D 63 11.21 13.99 6.55
C PHE D 63 10.90 13.48 7.96
N SER D 64 9.67 13.76 8.41
CA SER D 64 9.19 13.41 9.74
C SER D 64 7.69 13.64 9.77
N GLY D 65 7.04 13.06 10.79
CA GLY D 65 5.59 13.14 10.90
C GLY D 65 5.13 13.34 12.33
N SER D 66 3.90 13.81 12.47
CA SER D 66 3.31 14.06 13.78
C SER D 66 1.79 13.92 13.69
N ARG D 67 1.12 14.08 14.83
CA ARG D 67 -0.33 13.98 14.91
C ARG D 67 -0.87 14.99 15.92
N SER D 68 -2.03 15.60 15.57
CA SER D 68 -2.74 16.53 16.45
C SER D 68 -4.24 16.20 16.35
N GLY D 69 -4.63 15.07 16.94
CA GLY D 69 -6.00 14.62 16.80
C GLY D 69 -6.30 14.24 15.37
N THR D 70 -7.33 14.85 14.80
CA THR D 70 -7.70 14.57 13.42
C THR D 70 -6.71 15.18 12.44
N ASP D 71 -5.93 16.17 12.87
CA ASP D 71 -4.95 16.83 12.04
C ASP D 71 -3.65 16.03 12.05
N PHE D 72 -3.25 15.52 10.90
CA PHE D 72 -1.98 14.82 10.74
C PHE D 72 -1.07 15.69 9.88
N THR D 73 0.23 15.66 10.16
CA THR D 73 1.14 16.60 9.52
C THR D 73 2.33 15.91 8.88
N LEU D 74 2.93 16.66 7.95
CA LEU D 74 4.12 16.26 7.21
C LEU D 74 5.09 17.43 7.24
N THR D 75 6.27 17.24 7.83
CA THR D 75 7.25 18.31 7.96
C THR D 75 8.58 17.88 7.39
N ILE D 76 9.16 18.77 6.57
CA ILE D 76 10.49 18.60 5.99
C ILE D 76 11.41 19.61 6.66
N SER D 77 12.53 19.13 7.20
CA SER D 77 13.44 20.03 7.91
C SER D 77 14.05 21.07 6.96
N SER D 78 14.61 20.61 5.84
CA SER D 78 15.21 21.49 4.84
C SER D 78 14.74 21.03 3.48
N LEU D 79 14.46 21.95 2.59
CA LEU D 79 13.74 21.51 1.43
C LEU D 79 14.88 21.25 0.47
N GLN D 80 14.72 20.38 -0.53
CA GLN D 80 15.85 20.03 -1.36
C GLN D 80 15.44 20.00 -2.82
N PRO D 81 16.39 20.03 -3.78
CA PRO D 81 15.95 19.98 -5.19
C PRO D 81 15.09 18.76 -5.49
N GLU D 82 15.46 17.61 -4.94
CA GLU D 82 14.68 16.39 -5.17
C GLU D 82 13.27 16.53 -4.64
N ASP D 83 13.10 17.22 -3.50
CA ASP D 83 11.82 17.34 -2.81
C ASP D 83 10.97 18.48 -3.38
N PHE D 84 10.52 18.31 -4.63
CA PHE D 84 9.64 19.32 -5.22
C PHE D 84 8.54 18.63 -6.04
N ALA D 85 7.61 17.99 -5.34
CA ALA D 85 6.54 17.26 -5.99
C ALA D 85 5.24 17.44 -5.21
N THR D 86 4.15 16.93 -5.79
CA THR D 86 2.84 16.99 -5.18
C THR D 86 2.69 15.87 -4.16
N TYR D 87 2.39 16.22 -2.91
CA TYR D 87 2.30 15.26 -1.82
C TYR D 87 0.84 14.93 -1.47
N TYR D 88 0.65 13.81 -0.75
CA TYR D 88 -0.68 13.28 -0.46
C TYR D 88 -0.76 12.72 0.96
N CYS D 89 -1.98 12.78 1.53
CA CYS D 89 -2.32 12.27 2.85
C CYS D 89 -3.32 11.13 2.68
N GLN D 90 -3.12 10.02 3.41
CA GLN D 90 -3.96 8.84 3.24
C GLN D 90 -4.43 8.35 4.60
N GLN D 91 -5.52 7.60 4.63
CA GLN D 91 -5.95 6.92 5.85
C GLN D 91 -6.32 5.47 5.52
N TYR D 92 -5.92 4.52 6.38
CA TYR D 92 -6.18 3.10 6.12
C TYR D 92 -6.70 2.37 7.36
N LYS D 93 -7.48 3.05 8.20
CA LYS D 93 -8.14 2.35 9.31
C LYS D 93 -9.45 1.71 8.84
N TYR D 94 -10.29 2.48 8.17
CA TYR D 94 -11.57 2.01 7.66
C TYR D 94 -11.51 1.92 6.14
N VAL D 95 -12.02 0.82 5.60
CA VAL D 95 -12.13 0.66 4.16
C VAL D 95 -13.44 1.32 3.71
N PRO D 96 -13.47 2.02 2.56
CA PRO D 96 -12.36 2.22 1.62
C PRO D 96 -11.32 3.23 2.09
N VAL D 97 -10.06 3.01 1.71
CA VAL D 97 -9.02 3.99 2.00
C VAL D 97 -9.17 5.16 1.06
N THR D 98 -8.84 6.36 1.55
CA THR D 98 -9.00 7.58 0.79
C THR D 98 -7.73 8.41 0.88
N PHE D 99 -7.58 9.33 -0.07
CA PHE D 99 -6.42 10.18 -0.20
C PHE D 99 -6.84 11.64 -0.09
N GLY D 100 -5.85 12.53 -0.05
CA GLY D 100 -6.10 13.95 -0.09
C GLY D 100 -6.21 14.46 -1.52
N GLN D 101 -6.47 15.76 -1.64
CA GLN D 101 -6.59 16.35 -2.96
C GLN D 101 -5.24 16.52 -3.64
N GLY D 102 -4.21 16.87 -2.87
CA GLY D 102 -2.89 17.12 -3.41
C GLY D 102 -2.43 18.54 -3.19
N THR D 103 -1.14 18.71 -2.88
CA THR D 103 -0.55 20.02 -2.63
C THR D 103 0.58 20.26 -3.62
N LYS D 104 0.50 21.37 -4.35
CA LYS D 104 1.47 21.67 -5.42
C LYS D 104 2.68 22.39 -4.82
N VAL D 105 3.53 21.62 -4.16
CA VAL D 105 4.79 22.16 -3.66
C VAL D 105 5.70 22.51 -4.84
N GLU D 106 6.23 23.73 -4.85
CA GLU D 106 6.99 24.23 -5.99
C GLU D 106 8.12 25.13 -5.50
N ILE D 107 9.04 25.42 -6.42
CA ILE D 107 10.19 26.27 -6.10
C ILE D 107 9.75 27.73 -6.07
N LYS D 108 10.51 28.55 -5.34
CA LYS D 108 10.27 29.98 -5.23
C LYS D 108 11.25 30.71 -6.15
N ARG D 109 10.72 31.60 -6.98
CA ARG D 109 11.51 32.29 -7.99
C ARG D 109 11.10 33.75 -8.03
N THR D 110 12.02 34.60 -8.49
CA THR D 110 11.69 36.01 -8.66
C THR D 110 10.55 36.16 -9.65
N VAL D 111 9.71 37.17 -9.42
CA VAL D 111 8.50 37.36 -10.20
C VAL D 111 8.87 37.82 -11.61
N ALA D 112 8.95 36.87 -12.54
CA ALA D 112 9.23 37.17 -13.94
C ALA D 112 7.93 37.15 -14.73
N ALA D 113 7.79 38.11 -15.67
CA ALA D 113 6.56 38.25 -16.43
C ALA D 113 6.58 37.35 -17.67
N PRO D 114 5.41 36.93 -18.15
CA PRO D 114 5.36 36.06 -19.33
C PRO D 114 5.63 36.85 -20.61
N SER D 115 6.15 36.15 -21.61
CA SER D 115 6.43 36.71 -22.93
C SER D 115 5.39 36.19 -23.91
N VAL D 116 4.26 36.90 -23.99
CA VAL D 116 3.15 36.50 -24.83
C VAL D 116 3.52 36.60 -26.31
N PHE D 117 3.18 35.56 -27.07
CA PHE D 117 3.30 35.56 -28.53
C PHE D 117 2.01 34.96 -29.08
N ILE D 118 1.41 35.60 -30.09
CA ILE D 118 0.21 35.06 -30.71
C ILE D 118 0.61 34.38 -32.01
N PHE D 119 -0.07 33.29 -32.35
CA PHE D 119 0.24 32.53 -33.54
C PHE D 119 -0.99 32.41 -34.44
N PRO D 120 -0.89 32.79 -35.72
CA PRO D 120 -2.06 32.73 -36.58
C PRO D 120 -2.29 31.33 -37.10
N PRO D 121 -3.48 31.04 -37.62
CA PRO D 121 -3.75 29.69 -38.11
C PRO D 121 -2.92 29.37 -39.36
N SER D 122 -2.64 28.08 -39.53
CA SER D 122 -1.83 27.62 -40.64
C SER D 122 -2.69 27.44 -41.89
N ASP D 123 -2.03 27.51 -43.05
CA ASP D 123 -2.72 27.23 -44.30
C ASP D 123 -3.27 25.81 -44.32
N SER D 124 -2.61 24.88 -43.63
CA SER D 124 -3.06 23.50 -43.63
C SER D 124 -4.33 23.33 -42.80
N GLN D 125 -4.41 23.99 -41.64
CA GLN D 125 -5.57 23.83 -40.79
C GLN D 125 -6.81 24.48 -41.41
N LEU D 126 -6.65 25.66 -42.00
CA LEU D 126 -7.82 26.38 -42.51
C LEU D 126 -8.44 25.70 -43.73
N LYS D 127 -7.63 24.98 -44.52
CA LYS D 127 -8.22 24.21 -45.61
C LYS D 127 -8.90 22.94 -45.11
N SER D 128 -8.42 22.37 -43.99
CA SER D 128 -9.13 21.26 -43.38
C SER D 128 -10.54 21.64 -42.98
N GLY D 129 -10.80 22.92 -42.78
CA GLY D 129 -12.12 23.40 -42.42
C GLY D 129 -12.26 23.90 -41.00
N THR D 130 -11.17 23.96 -40.24
CA THR D 130 -11.19 24.39 -38.85
C THR D 130 -10.27 25.60 -38.67
N ALA D 131 -10.47 26.32 -37.56
CA ALA D 131 -9.68 27.50 -37.25
C ALA D 131 -9.30 27.47 -35.78
N SER D 132 -8.04 27.79 -35.48
CA SER D 132 -7.57 27.78 -34.10
C SER D 132 -6.39 28.73 -33.98
N VAL D 133 -6.41 29.56 -32.93
CA VAL D 133 -5.35 30.52 -32.64
C VAL D 133 -4.70 30.11 -31.33
N VAL D 134 -3.38 30.24 -31.26
CA VAL D 134 -2.62 29.87 -30.08
C VAL D 134 -1.94 31.11 -29.52
N CYS D 135 -2.19 31.40 -28.25
CA CYS D 135 -1.54 32.47 -27.52
C CYS D 135 -0.62 31.82 -26.50
N LEU D 136 0.67 32.15 -26.55
CA LEU D 136 1.68 31.41 -25.80
C LEU D 136 2.40 32.28 -24.78
N LEU D 137 2.51 31.79 -23.57
CA LEU D 137 3.23 32.45 -22.50
C LEU D 137 4.47 31.62 -22.19
N ASN D 138 5.53 32.24 -21.69
CA ASN D 138 6.75 31.50 -21.44
C ASN D 138 7.56 32.18 -20.35
N ASN D 139 8.31 31.36 -19.60
CA ASN D 139 9.26 31.83 -18.59
C ASN D 139 8.60 32.86 -17.66
N PHE D 140 7.63 32.39 -16.88
CA PHE D 140 6.95 33.25 -15.94
C PHE D 140 6.73 32.55 -14.62
N TYR D 141 6.89 33.30 -13.53
CA TYR D 141 6.58 32.87 -12.18
C TYR D 141 5.84 34.01 -11.48
N PRO D 142 4.77 33.71 -10.72
CA PRO D 142 4.23 32.40 -10.40
C PRO D 142 3.38 31.81 -11.52
N ARG D 143 2.81 30.62 -11.28
CA ARG D 143 2.07 29.94 -12.33
C ARG D 143 0.69 30.55 -12.59
N GLU D 144 0.17 31.37 -11.67
CA GLU D 144 -1.18 31.89 -11.82
C GLU D 144 -1.25 32.90 -12.97
N ALA D 145 -2.33 32.81 -13.74
CA ALA D 145 -2.57 33.73 -14.85
C ALA D 145 -4.03 33.65 -15.24
N LYS D 146 -4.52 34.72 -15.90
CA LYS D 146 -5.93 34.88 -16.27
C LYS D 146 -6.00 35.51 -17.66
N VAL D 147 -5.73 34.72 -18.70
CA VAL D 147 -5.76 35.22 -20.07
C VAL D 147 -7.17 35.04 -20.62
N GLN D 148 -7.62 36.02 -21.42
CA GLN D 148 -8.95 35.99 -22.01
C GLN D 148 -8.88 36.59 -23.40
N TRP D 149 -9.41 35.88 -24.38
CA TRP D 149 -9.38 36.37 -25.75
C TRP D 149 -10.37 37.52 -25.95
N LYS D 150 -10.08 38.29 -26.99
CA LYS D 150 -10.90 39.42 -27.39
C LYS D 150 -10.87 39.44 -28.91
N VAL D 151 -12.00 39.18 -29.56
CA VAL D 151 -12.08 39.14 -31.01
C VAL D 151 -13.07 40.20 -31.46
N ASP D 152 -12.72 40.90 -32.54
CA ASP D 152 -13.53 42.00 -33.05
C ASP D 152 -13.78 43.02 -31.95
N ASN D 153 -12.72 43.36 -31.23
CA ASN D 153 -12.78 44.23 -30.05
C ASN D 153 -14.00 43.89 -29.19
N ALA D 154 -14.18 42.60 -28.94
CA ALA D 154 -15.23 42.11 -28.06
C ALA D 154 -14.74 40.85 -27.37
N LEU D 155 -14.96 40.76 -26.06
CA LEU D 155 -14.50 39.61 -25.29
C LEU D 155 -15.22 38.34 -25.73
N GLN D 156 -14.47 37.26 -25.89
CA GLN D 156 -15.02 35.98 -26.29
C GLN D 156 -14.60 34.92 -25.27
N SER D 157 -15.58 34.20 -24.73
CA SER D 157 -15.33 33.22 -23.69
C SER D 157 -16.18 31.97 -23.96
N GLY D 158 -15.85 30.90 -23.25
CA GLY D 158 -16.51 29.63 -23.44
C GLY D 158 -15.98 28.79 -24.59
N ASN D 159 -14.92 29.24 -25.25
CA ASN D 159 -14.32 28.53 -26.38
C ASN D 159 -12.82 28.71 -26.37
N SER D 160 -12.22 28.66 -25.18
CA SER D 160 -10.78 28.91 -25.01
C SER D 160 -10.26 27.90 -24.00
N GLN D 161 -9.65 26.82 -24.50
CA GLN D 161 -9.04 25.81 -23.66
C GLN D 161 -7.58 26.15 -23.37
N GLU D 162 -7.16 25.96 -22.13
CA GLU D 162 -5.84 26.36 -21.68
C GLU D 162 -5.09 25.17 -21.11
N SER D 163 -3.77 25.15 -21.35
CA SER D 163 -2.89 24.10 -20.86
C SER D 163 -1.60 24.72 -20.35
N VAL D 164 -1.05 24.12 -19.28
CA VAL D 164 0.13 24.66 -18.62
C VAL D 164 1.11 23.51 -18.39
N THR D 165 2.39 23.77 -18.66
CA THR D 165 3.43 22.77 -18.49
C THR D 165 4.00 22.82 -17.08
N GLU D 166 4.65 21.72 -16.70
CA GLU D 166 5.20 21.60 -15.35
C GLU D 166 6.36 22.56 -15.15
N GLN D 167 6.67 22.82 -13.88
CA GLN D 167 7.75 23.74 -13.55
C GLN D 167 9.08 23.16 -13.99
N ASP D 168 9.87 23.96 -14.71
CA ASP D 168 11.16 23.50 -15.20
C ASP D 168 12.13 23.31 -14.04
N SER D 169 12.93 22.25 -14.11
CA SER D 169 13.81 21.90 -13.01
C SER D 169 15.04 22.78 -12.92
N LYS D 170 15.40 23.49 -13.99
CA LYS D 170 16.62 24.32 -13.99
C LYS D 170 16.30 25.75 -13.60
N ASP D 171 15.55 26.47 -14.43
CA ASP D 171 15.27 27.88 -14.18
C ASP D 171 13.97 28.11 -13.41
N SER D 172 13.20 27.05 -13.15
CA SER D 172 12.02 27.14 -12.27
C SER D 172 10.98 28.10 -12.84
N THR D 173 10.53 27.82 -14.06
CA THR D 173 9.55 28.66 -14.73
C THR D 173 8.47 27.79 -15.37
N TYR D 174 7.33 28.43 -15.64
CA TYR D 174 6.18 27.79 -16.25
C TYR D 174 5.94 28.33 -17.65
N SER D 175 4.94 27.76 -18.32
CA SER D 175 4.49 28.22 -19.62
C SER D 175 2.99 27.94 -19.71
N LEU D 176 2.33 28.58 -20.67
CA LEU D 176 0.89 28.40 -20.80
C LEU D 176 0.50 28.55 -22.26
N SER D 177 -0.41 27.68 -22.70
CA SER D 177 -0.95 27.69 -24.05
C SER D 177 -2.46 27.93 -23.98
N SER D 178 -2.91 29.00 -24.60
CA SER D 178 -4.33 29.25 -24.76
C SER D 178 -4.69 29.04 -26.23
N THR D 179 -5.86 28.48 -26.47
CA THR D 179 -6.27 28.11 -27.82
C THR D 179 -7.70 28.57 -28.06
N LEU D 180 -7.88 29.44 -29.04
CA LEU D 180 -9.20 29.90 -29.45
C LEU D 180 -9.69 28.97 -30.54
N THR D 181 -10.51 27.99 -30.17
CA THR D 181 -11.03 27.01 -31.10
C THR D 181 -12.33 27.51 -31.73
N LEU D 182 -12.36 27.59 -33.06
CA LEU D 182 -13.51 28.09 -33.79
C LEU D 182 -13.55 27.45 -35.16
N SER D 183 -14.66 27.65 -35.87
CA SER D 183 -14.82 27.14 -37.22
C SER D 183 -14.16 28.08 -38.24
N LYS D 184 -13.99 27.58 -39.46
CA LYS D 184 -13.32 28.37 -40.48
C LYS D 184 -14.09 29.64 -40.80
N ALA D 185 -15.41 29.53 -40.92
CA ALA D 185 -16.21 30.70 -41.30
C ALA D 185 -16.11 31.81 -40.26
N ASP D 186 -16.02 31.45 -38.98
CA ASP D 186 -15.92 32.45 -37.94
C ASP D 186 -14.62 33.24 -38.06
N TYR D 187 -13.53 32.57 -38.46
CA TYR D 187 -12.23 33.23 -38.55
C TYR D 187 -12.26 34.35 -39.59
N GLU D 188 -12.72 34.04 -40.80
CA GLU D 188 -12.72 35.03 -41.86
C GLU D 188 -13.55 36.25 -41.47
N LYS D 189 -14.75 36.02 -40.98
CA LYS D 189 -15.60 37.11 -40.52
C LYS D 189 -15.03 37.70 -39.23
N HIS D 190 -15.27 38.99 -39.02
CA HIS D 190 -14.82 39.72 -37.84
C HIS D 190 -13.41 39.30 -37.45
N LYS D 191 -12.47 39.59 -38.36
CA LYS D 191 -11.07 39.16 -38.22
C LYS D 191 -10.28 40.27 -37.53
N VAL D 192 -10.42 40.33 -36.21
CA VAL D 192 -9.66 41.25 -35.38
C VAL D 192 -9.20 40.48 -34.14
N TYR D 193 -8.75 39.25 -34.36
CA TYR D 193 -8.50 38.32 -33.26
C TYR D 193 -7.32 38.80 -32.41
N ALA D 194 -7.40 38.54 -31.10
CA ALA D 194 -6.39 39.02 -30.16
C ALA D 194 -6.53 38.27 -28.84
N CYS D 195 -5.42 38.22 -28.08
CA CYS D 195 -5.40 37.63 -26.75
C CYS D 195 -4.82 38.62 -25.75
N GLU D 196 -5.47 38.74 -24.58
CA GLU D 196 -5.09 39.69 -23.53
C GLU D 196 -4.68 38.93 -22.29
N VAL D 197 -3.44 39.13 -21.84
CA VAL D 197 -2.90 38.44 -20.68
C VAL D 197 -2.82 39.39 -19.51
N THR D 198 -3.02 38.86 -18.31
CA THR D 198 -2.88 39.59 -17.06
C THR D 198 -2.03 38.75 -16.11
N HIS D 199 -0.99 39.36 -15.55
CA HIS D 199 -0.03 38.61 -14.74
C HIS D 199 0.63 39.56 -13.76
N GLN D 200 1.10 39.00 -12.63
CA GLN D 200 1.69 39.83 -11.58
C GLN D 200 2.90 40.60 -12.09
N GLY D 201 3.76 39.94 -12.87
CA GLY D 201 4.94 40.63 -13.39
C GLY D 201 4.60 41.79 -14.30
N LEU D 202 3.44 41.74 -14.94
CA LEU D 202 3.01 42.77 -15.89
C LEU D 202 2.11 43.77 -15.17
N SER D 203 2.59 45.00 -15.02
CA SER D 203 1.79 46.03 -14.37
C SER D 203 0.49 46.27 -15.11
N SER D 204 0.53 46.23 -16.44
CA SER D 204 -0.65 46.41 -17.28
C SER D 204 -0.84 45.19 -18.18
N PRO D 205 -2.08 44.86 -18.54
CA PRO D 205 -2.28 43.75 -19.47
C PRO D 205 -1.62 44.06 -20.81
N VAL D 206 -0.99 43.04 -21.38
CA VAL D 206 -0.24 43.18 -22.62
C VAL D 206 -0.96 42.33 -23.67
N THR D 207 -1.52 42.98 -24.68
CA THR D 207 -2.33 42.31 -25.70
C THR D 207 -1.50 42.10 -26.95
N LYS D 208 -1.55 40.89 -27.52
CA LYS D 208 -0.78 40.61 -28.72
C LYS D 208 -1.83 40.34 -29.80
N SER D 209 -2.08 41.32 -30.65
CA SER D 209 -3.13 41.24 -31.66
C SER D 209 -2.53 41.10 -33.05
N PHE D 210 -3.19 40.31 -33.91
CA PHE D 210 -2.68 40.03 -35.24
C PHE D 210 -3.74 40.32 -36.30
N ASN D 211 -3.32 41.01 -37.37
CA ASN D 211 -4.16 41.32 -38.51
C ASN D 211 -3.42 40.87 -39.76
N ARG D 212 -4.01 39.94 -40.51
CA ARG D 212 -3.37 39.37 -41.69
C ARG D 212 -2.05 38.70 -41.28
#